data_8KGG
#
_entry.id   8KGG
#
loop_
_entity.id
_entity.type
_entity.pdbx_description
1 polymer 'Guanine nucleotide-binding protein G(i) subunit alpha-2,Guanine nucleotide-binding protein subunit alpha-13'
2 polymer 'Guanine nucleotide-binding protein G(I)/G(S)/G(T) subunit beta-1'
3 polymer scFv16
4 polymer 'Guanine nucleotide-binding protein G(I)/G(S)/G(O) subunit gamma-2'
5 polymer 'Putative P2Y purinoceptor 10'
6 non-polymer '(2~{S})-2-$l^{4}-azanyl-3-[[(2~{R})-3-octadecanoyloxy-2-oxidanyl-propoxy]-oxidanyl-oxidanylidene-$l^{6}-phosphanyl]oxy-propanoic acid'
#
loop_
_entity_poly.entity_id
_entity_poly.type
_entity_poly.pdbx_seq_one_letter_code
_entity_poly.pdbx_strand_id
1 'polypeptide(L)'
;MGSTVSAEDKAAAERSKEIDKCLSREKTYVKRLVKILLLGADNSGKSTFLKQMRIIHGGSGGSGGTKGIHEYDFEIKNVP
FKMVDVGGQRSERKRWFECFDSVTSILFLVDSSDFNRLTESLNDFETIVNNRVFSNVSIILFLNKTDLLEEKVQIVSIKD
YFLEFEGDPHCLRDVQKFLVECFRNKRRDQQQKPLYHHFTTAINTENARLIFRDVKDTILHDNLKQLMLQ
;
A
2 'polypeptide(L)'
;MGSLLQSELDQLRQEAEQLKNQIRDARKACADATLSQITNNIDPVGRIQMRTRRTLRGHLAKIYAMHWGTDSRLLVSASQ
DGKLIIWDSYTTNKVHAIPLRSSWVMTCAYAPSGNYVACGGLDNICSIYNLKTREGNVRVSRELAGHTGYLSCCRFLDDN
QIVTSSGDTTCALWDIETGQQTTTFTGHTGDVMSLSLAPDTRLFVSGACDASAKLWDVREGMCRQTFTGHESDINAICFF
PNGNAFATGSDDATCRLFDLRADQELMTYSHDNIICGITSVSFSKSGRLLLAGYDDFNCNVWDALKADRAGVLAGHDNRV
SCLGVTDDGMAVATGSWDSFLKIWN
;
B
3 'polypeptide(L)'
;VQLVESGGGLVQPGGSRKLSCSASGFAFSSFGMHWVRQAPEKGLEWVAYISSGSGTIYYADTVKGRFTISRDDPKNTLFL
QMTSLRSEDTAMYYCVRSIYYYGSSPFDFWGQGTTLTVSAGGGGSGGGGSGGGGSADIVMTQATSSVPVTPGESVSISCR
SSKSLLHSNGNTYLYWFLQRPGQSPQLLIYRMSNLASGVPDRFSGSGSGTAFTLTISRLEAEDVGVYYCMQHLEYPLTFG
AGTKLEL
;
E
4 'polypeptide(L)' MASNNTASIAQARKLVEQLKMEANIDRIKVSKAAADLMAYCEAHAKEDPLLTPVPASENPFREKKFFCAIL G
5 'polypeptide(L)'
;MANLDKYTETFKMGSNSTSTAEIYCNVTNVKFQYSLYATTYILIFIPGLLANSAALWVLCRFISKKNKAIIFMINLSVAD
LAHVLSLPLRIYYYISHHWPFQRALCLLCFYLKYLNMYASICFLTCISLQRCFFLLKPFRARDWKRRYDVGISAAIWIVV
GTACLPFPILRSTDLNNNKSCFADLGYKQMNAVALVGMITVAELAGFVIPVIIIAWCTWKTTISLRQPPMAFQGISERQK
ALRMVFMCAAVFFICFTPYHINFIFYTMVKETIISSCPVVRIALYFHPFCLCLASLCCLLDPILYYFMASEFRDQLSRHG
SSVTRSRLMSKESGSSMIG
;
R
#
# COMPACT_ATOMS: atom_id res chain seq x y z
N GLU A 8 25.93 16.65 -8.43
CA GLU A 8 25.98 15.23 -8.16
C GLU A 8 24.80 14.53 -8.80
N ASP A 9 24.95 13.23 -9.04
CA ASP A 9 23.86 12.41 -9.57
C ASP A 9 22.92 12.05 -8.43
N LYS A 10 22.19 13.07 -7.98
CA LYS A 10 21.04 12.93 -7.09
C LYS A 10 19.74 13.25 -7.81
N ALA A 11 19.76 13.32 -9.15
CA ALA A 11 18.53 13.45 -9.90
C ALA A 11 17.64 12.23 -9.77
N ALA A 12 18.19 11.12 -9.25
CA ALA A 12 17.37 9.97 -8.91
C ALA A 12 16.30 10.33 -7.89
N ALA A 13 16.64 11.14 -6.88
CA ALA A 13 15.67 11.52 -5.87
C ALA A 13 14.55 12.36 -6.46
N GLU A 14 14.89 13.32 -7.32
CA GLU A 14 13.89 14.15 -7.96
C GLU A 14 12.98 13.31 -8.85
N ARG A 15 13.54 12.32 -9.55
CA ARG A 15 12.74 11.42 -10.36
C ARG A 15 11.76 10.62 -9.49
N SER A 16 12.22 10.15 -8.34
CA SER A 16 11.34 9.43 -7.43
C SER A 16 10.20 10.31 -6.94
N LYS A 17 10.49 11.58 -6.64
CA LYS A 17 9.44 12.50 -6.22
C LYS A 17 8.42 12.72 -7.33
N GLU A 18 8.88 12.82 -8.58
CA GLU A 18 7.94 12.94 -9.69
C GLU A 18 7.03 11.72 -9.79
N ILE A 19 7.56 10.52 -9.56
CA ILE A 19 6.72 9.32 -9.61
C ILE A 19 5.68 9.33 -8.48
N ASP A 20 6.10 9.75 -7.28
CA ASP A 20 5.15 9.86 -6.18
C ASP A 20 4.04 10.86 -6.47
N LYS A 21 4.34 11.92 -7.23
CA LYS A 21 3.31 12.90 -7.56
C LYS A 21 2.20 12.33 -8.44
N CYS A 22 2.44 11.26 -9.19
CA CYS A 22 1.40 10.61 -9.98
C CYS A 22 0.66 9.54 -9.18
N LEU A 23 1.39 8.81 -8.33
CA LEU A 23 0.71 7.84 -7.47
C LEU A 23 -0.29 8.54 -6.56
N SER A 24 0.09 9.68 -5.97
CA SER A 24 -0.83 10.39 -5.08
C SER A 24 -1.99 11.02 -5.85
N ARG A 25 -1.90 11.11 -7.17
CA ARG A 25 -3.05 11.57 -7.94
C ARG A 25 -4.03 10.44 -8.20
N GLU A 26 -3.54 9.26 -8.53
CA GLU A 26 -4.49 8.15 -8.75
C GLU A 26 -5.11 7.66 -7.45
N LYS A 27 -4.45 7.92 -6.30
CA LYS A 27 -5.03 7.51 -5.02
C LYS A 27 -6.36 8.20 -4.74
N THR A 28 -6.58 9.39 -5.30
CA THR A 28 -7.85 10.08 -5.08
C THR A 28 -8.98 9.43 -5.87
N TYR A 29 -8.70 8.95 -7.07
CA TYR A 29 -9.73 8.30 -7.86
C TYR A 29 -10.04 6.90 -7.35
N VAL A 30 -9.04 6.20 -6.80
CA VAL A 30 -9.31 4.85 -6.34
C VAL A 30 -10.13 4.79 -5.05
N LYS A 31 -10.54 5.93 -4.51
CA LYS A 31 -11.39 5.98 -3.32
C LYS A 31 -12.81 6.43 -3.60
N ARG A 32 -13.17 6.64 -4.86
CA ARG A 32 -14.54 7.00 -5.23
C ARG A 32 -15.28 5.87 -5.90
N LEU A 33 -14.57 4.97 -6.57
CA LEU A 33 -15.19 3.97 -7.42
C LEU A 33 -15.93 2.94 -6.57
N VAL A 34 -17.13 2.53 -7.04
CA VAL A 34 -17.94 1.53 -6.36
C VAL A 34 -17.97 0.27 -7.23
N LYS A 35 -17.54 -0.86 -6.66
CA LYS A 35 -17.44 -2.10 -7.40
C LYS A 35 -18.56 -3.07 -7.00
N ILE A 36 -19.18 -3.69 -7.99
CA ILE A 36 -20.27 -4.63 -7.79
C ILE A 36 -19.96 -5.91 -8.55
N LEU A 37 -20.09 -7.05 -7.89
CA LEU A 37 -19.78 -8.33 -8.51
C LEU A 37 -21.06 -8.99 -9.01
N LEU A 38 -21.08 -9.38 -10.29
CA LEU A 38 -22.29 -9.88 -10.93
C LEU A 38 -22.26 -11.41 -10.99
N LEU A 39 -23.34 -12.05 -10.55
CA LEU A 39 -23.50 -13.50 -10.63
C LEU A 39 -24.89 -13.85 -11.10
N GLY A 40 -25.03 -15.04 -11.67
CA GLY A 40 -26.31 -15.46 -12.19
C GLY A 40 -26.22 -16.80 -12.85
N ALA A 41 -27.38 -17.25 -13.36
CA ALA A 41 -27.48 -18.55 -13.99
C ALA A 41 -27.21 -18.46 -15.49
N ASP A 42 -27.21 -19.62 -16.14
CA ASP A 42 -26.87 -19.69 -17.55
C ASP A 42 -28.00 -19.16 -18.44
N ASN A 43 -29.25 -19.33 -18.00
CA ASN A 43 -30.42 -18.91 -18.77
C ASN A 43 -31.11 -17.70 -18.16
N SER A 44 -30.44 -16.98 -17.26
CA SER A 44 -31.08 -15.93 -16.48
C SER A 44 -31.27 -14.64 -17.26
N GLY A 45 -31.07 -14.65 -18.58
CA GLY A 45 -31.16 -13.42 -19.34
C GLY A 45 -30.03 -12.45 -19.06
N LYS A 46 -28.88 -12.95 -18.60
CA LYS A 46 -27.74 -12.12 -18.21
C LYS A 46 -27.30 -11.23 -19.37
N SER A 47 -27.15 -11.82 -20.56
CA SER A 47 -26.74 -11.04 -21.72
C SER A 47 -27.74 -9.94 -22.05
N THR A 48 -29.04 -10.26 -22.08
CA THR A 48 -30.05 -9.25 -22.36
C THR A 48 -30.10 -8.19 -21.26
N PHE A 49 -29.98 -8.61 -20.00
CA PHE A 49 -29.99 -7.66 -18.88
C PHE A 49 -28.87 -6.66 -19.03
N LEU A 50 -27.66 -7.13 -19.35
CA LEU A 50 -26.52 -6.22 -19.41
C LEU A 50 -26.55 -5.40 -20.69
N LYS A 51 -27.02 -5.97 -21.79
CA LYS A 51 -27.04 -5.25 -23.07
C LYS A 51 -28.16 -4.22 -23.12
N GLN A 52 -29.18 -4.36 -22.28
CA GLN A 52 -30.23 -3.36 -22.24
C GLN A 52 -29.94 -2.22 -21.27
N MET A 53 -28.76 -2.19 -20.66
CA MET A 53 -28.35 -1.08 -19.81
C MET A 53 -27.44 -0.10 -20.52
N ARG A 54 -27.16 -0.32 -21.81
CA ARG A 54 -26.35 0.61 -22.62
C ARG A 54 -24.96 0.81 -22.03
N ILE A 55 -24.22 -0.28 -21.88
CA ILE A 55 -22.86 -0.25 -21.35
C ILE A 55 -21.93 -0.93 -22.34
N ILE A 56 -21.02 -0.16 -22.95
CA ILE A 56 -20.00 -0.67 -23.86
C ILE A 56 -20.58 -1.62 -24.91
N LYS A 67 -14.23 -15.77 -20.92
CA LYS A 67 -13.09 -15.01 -21.43
C LYS A 67 -12.42 -14.25 -20.30
N GLY A 68 -11.72 -14.97 -19.42
CA GLY A 68 -11.10 -14.38 -18.25
C GLY A 68 -12.12 -13.68 -17.37
N ILE A 69 -11.98 -12.37 -17.24
CA ILE A 69 -12.91 -11.54 -16.48
C ILE A 69 -13.31 -10.37 -17.37
N HIS A 70 -14.61 -10.06 -17.41
CA HIS A 70 -15.08 -8.86 -18.07
C HIS A 70 -15.36 -7.77 -17.05
N GLU A 71 -15.18 -6.52 -17.46
CA GLU A 71 -15.46 -5.38 -16.61
C GLU A 71 -16.25 -4.36 -17.41
N TYR A 72 -17.21 -3.72 -16.75
CA TYR A 72 -18.07 -2.71 -17.37
C TYR A 72 -18.05 -1.48 -16.48
N ASP A 73 -18.05 -0.30 -17.10
CA ASP A 73 -17.99 0.95 -16.37
C ASP A 73 -19.20 1.80 -16.73
N PHE A 74 -19.70 2.56 -15.75
CA PHE A 74 -20.77 3.52 -15.99
C PHE A 74 -20.86 4.46 -14.81
N GLU A 75 -21.78 5.43 -14.92
CA GLU A 75 -21.89 6.48 -13.91
C GLU A 75 -23.35 6.75 -13.59
N ILE A 76 -23.67 6.84 -12.31
CA ILE A 76 -25.01 7.18 -11.84
C ILE A 76 -24.90 8.35 -10.88
N LYS A 77 -25.60 9.45 -11.19
CA LYS A 77 -25.65 10.62 -10.32
C LYS A 77 -24.26 11.06 -9.89
N ASN A 78 -23.34 11.10 -10.87
CA ASN A 78 -21.95 11.50 -10.67
C ASN A 78 -21.21 10.60 -9.69
N VAL A 79 -21.55 9.32 -9.65
CA VAL A 79 -20.81 8.31 -8.88
C VAL A 79 -20.39 7.22 -9.86
N PRO A 80 -19.12 6.80 -9.86
CA PRO A 80 -18.68 5.80 -10.83
C PRO A 80 -18.86 4.38 -10.33
N PHE A 81 -19.54 3.56 -11.14
CA PHE A 81 -19.79 2.17 -10.84
C PHE A 81 -19.03 1.27 -11.81
N LYS A 82 -18.41 0.24 -11.26
CA LYS A 82 -17.74 -0.80 -12.03
C LYS A 82 -18.39 -2.14 -11.74
N MET A 83 -18.91 -2.79 -12.78
CA MET A 83 -19.51 -4.10 -12.67
C MET A 83 -18.51 -5.15 -13.16
N VAL A 84 -18.19 -6.10 -12.29
CA VAL A 84 -17.21 -7.13 -12.58
C VAL A 84 -17.96 -8.42 -12.86
N ASP A 85 -17.78 -8.95 -14.07
CA ASP A 85 -18.48 -10.14 -14.54
C ASP A 85 -17.45 -11.27 -14.67
N VAL A 86 -17.69 -12.36 -13.95
CA VAL A 86 -16.88 -13.55 -14.04
C VAL A 86 -17.64 -14.57 -14.88
N GLY A 87 -17.24 -14.73 -16.13
CA GLY A 87 -17.99 -15.51 -17.08
C GLY A 87 -17.74 -17.01 -17.05
N GLY A 88 -18.30 -17.70 -16.07
CA GLY A 88 -18.22 -19.14 -16.01
C GLY A 88 -17.00 -19.71 -15.32
N GLN A 89 -16.02 -18.88 -14.97
CA GLN A 89 -14.93 -19.31 -14.11
C GLN A 89 -15.34 -19.36 -12.63
N ARG A 90 -16.52 -18.83 -12.31
CA ARG A 90 -16.96 -18.68 -10.93
C ARG A 90 -17.21 -20.01 -10.23
N SER A 91 -17.23 -21.12 -10.98
CA SER A 91 -17.53 -22.41 -10.36
C SER A 91 -16.44 -22.85 -9.40
N GLU A 92 -15.29 -22.17 -9.39
CA GLU A 92 -14.20 -22.55 -8.51
C GLU A 92 -14.61 -22.41 -7.05
N ARG A 93 -14.34 -23.47 -6.26
CA ARG A 93 -14.66 -23.49 -4.84
C ARG A 93 -13.41 -23.25 -3.99
N LYS A 94 -12.54 -22.35 -4.42
CA LYS A 94 -11.25 -22.15 -3.80
C LYS A 94 -11.13 -20.73 -3.27
N ARG A 95 -10.53 -20.61 -2.08
CA ARG A 95 -10.44 -19.30 -1.43
C ARG A 95 -9.63 -18.30 -2.24
N TRP A 96 -8.48 -18.73 -2.78
CA TRP A 96 -7.61 -17.80 -3.48
C TRP A 96 -8.25 -17.22 -4.73
N PHE A 97 -9.18 -17.93 -5.37
CA PHE A 97 -9.93 -17.37 -6.48
C PHE A 97 -10.88 -16.27 -6.01
N GLU A 98 -11.46 -16.43 -4.82
CA GLU A 98 -12.34 -15.41 -4.24
C GLU A 98 -11.47 -14.31 -3.62
N CYS A 99 -10.94 -13.48 -4.50
CA CYS A 99 -10.18 -12.28 -4.13
C CYS A 99 -10.99 -11.02 -4.41
N PHE A 100 -12.31 -11.13 -4.34
CA PHE A 100 -13.24 -10.05 -4.65
C PHE A 100 -13.85 -9.48 -3.37
N ASP A 101 -13.06 -9.37 -2.30
CA ASP A 101 -13.60 -8.97 -1.01
C ASP A 101 -13.53 -7.47 -0.79
N SER A 102 -13.14 -6.70 -1.78
CA SER A 102 -13.19 -5.24 -1.72
C SER A 102 -14.45 -4.68 -2.35
N VAL A 103 -15.39 -5.53 -2.76
CA VAL A 103 -16.59 -5.10 -3.47
C VAL A 103 -17.61 -4.58 -2.47
N THR A 104 -18.45 -3.66 -2.93
CA THR A 104 -19.51 -3.13 -2.08
C THR A 104 -20.66 -4.10 -1.96
N SER A 105 -21.00 -4.81 -3.04
CA SER A 105 -22.13 -5.72 -2.99
C SER A 105 -22.07 -6.74 -4.12
N ILE A 106 -22.91 -7.77 -3.97
CA ILE A 106 -23.05 -8.86 -4.93
C ILE A 106 -24.45 -8.79 -5.51
N LEU A 107 -24.57 -9.03 -6.82
CA LEU A 107 -25.85 -8.92 -7.52
C LEU A 107 -26.18 -10.24 -8.21
N PHE A 108 -27.22 -10.91 -7.73
CA PHE A 108 -27.68 -12.18 -8.26
C PHE A 108 -28.82 -11.96 -9.23
N LEU A 109 -28.73 -12.56 -10.41
CA LEU A 109 -29.86 -12.65 -11.33
C LEU A 109 -30.33 -14.10 -11.33
N VAL A 110 -31.57 -14.34 -10.91
CA VAL A 110 -32.08 -15.69 -10.74
C VAL A 110 -33.44 -15.80 -11.40
N ASP A 111 -33.65 -16.87 -12.17
CA ASP A 111 -34.92 -17.08 -12.84
C ASP A 111 -35.91 -17.81 -11.94
N SER A 112 -37.19 -17.59 -12.21
CA SER A 112 -38.25 -18.24 -11.46
C SER A 112 -39.36 -18.83 -12.33
N SER A 113 -39.40 -18.52 -13.62
CA SER A 113 -40.43 -19.05 -14.49
C SER A 113 -40.28 -20.54 -14.75
N ASP A 114 -39.05 -21.02 -14.92
CA ASP A 114 -38.80 -22.45 -15.15
C ASP A 114 -38.70 -23.13 -13.79
N PHE A 115 -39.80 -23.76 -13.37
CA PHE A 115 -39.90 -24.33 -12.03
C PHE A 115 -38.90 -25.44 -11.79
N ASN A 116 -38.40 -26.08 -12.84
CA ASN A 116 -37.43 -27.16 -12.69
C ASN A 116 -36.01 -26.64 -12.55
N ARG A 117 -35.80 -25.33 -12.66
CA ARG A 117 -34.50 -24.72 -12.49
C ARG A 117 -34.35 -23.99 -11.16
N LEU A 118 -35.38 -24.01 -10.32
CA LEU A 118 -35.30 -23.29 -9.05
C LEU A 118 -34.37 -23.98 -8.06
N THR A 119 -34.33 -25.30 -8.07
CA THR A 119 -33.46 -26.02 -7.13
C THR A 119 -31.99 -25.70 -7.40
N GLU A 120 -31.61 -25.64 -8.68
CA GLU A 120 -30.22 -25.30 -9.02
C GLU A 120 -29.86 -23.90 -8.53
N SER A 121 -30.75 -22.93 -8.74
CA SER A 121 -30.49 -21.57 -8.30
C SER A 121 -30.42 -21.50 -6.77
N LEU A 122 -31.29 -22.25 -6.08
CA LEU A 122 -31.23 -22.29 -4.62
C LEU A 122 -29.90 -22.85 -4.14
N ASN A 123 -29.43 -23.92 -4.78
CA ASN A 123 -28.18 -24.53 -4.36
C ASN A 123 -26.99 -23.64 -4.65
N ASP A 124 -27.04 -22.87 -5.74
CA ASP A 124 -26.02 -21.86 -6.00
C ASP A 124 -26.05 -20.77 -4.94
N PHE A 125 -27.26 -20.28 -4.63
CA PHE A 125 -27.42 -19.17 -3.70
C PHE A 125 -26.91 -19.52 -2.31
N GLU A 126 -27.35 -20.66 -1.77
CA GLU A 126 -26.91 -21.04 -0.44
C GLU A 126 -25.45 -21.43 -0.41
N THR A 127 -24.85 -21.72 -1.57
CA THR A 127 -23.41 -21.94 -1.62
C THR A 127 -22.65 -20.63 -1.55
N ILE A 128 -23.16 -19.58 -2.20
CA ILE A 128 -22.46 -18.30 -2.20
C ILE A 128 -22.69 -17.51 -0.92
N VAL A 129 -23.96 -17.36 -0.51
CA VAL A 129 -24.29 -16.50 0.63
C VAL A 129 -23.68 -17.00 1.92
N ASN A 130 -23.57 -18.31 2.10
CA ASN A 130 -23.09 -18.91 3.33
C ASN A 130 -21.57 -18.91 3.45
N ASN A 131 -20.86 -18.48 2.41
CA ASN A 131 -19.42 -18.35 2.48
C ASN A 131 -19.03 -17.23 3.45
N ARG A 132 -17.85 -17.38 4.04
CA ARG A 132 -17.39 -16.37 5.00
C ARG A 132 -16.89 -15.10 4.32
N VAL A 133 -16.10 -15.24 3.25
CA VAL A 133 -15.36 -14.12 2.69
C VAL A 133 -16.26 -12.96 2.30
N PHE A 134 -17.55 -13.22 2.10
CA PHE A 134 -18.51 -12.19 1.74
C PHE A 134 -19.37 -11.78 2.94
N SER A 135 -18.75 -11.71 4.14
CA SER A 135 -19.50 -11.32 5.33
C SER A 135 -19.76 -9.82 5.38
N ASN A 136 -18.93 -9.01 4.74
CA ASN A 136 -19.00 -7.56 4.84
C ASN A 136 -19.69 -6.94 3.62
N VAL A 137 -20.26 -7.75 2.74
CA VAL A 137 -20.85 -7.29 1.49
C VAL A 137 -22.33 -7.63 1.50
N SER A 138 -23.16 -6.67 1.09
CA SER A 138 -24.58 -6.91 0.99
C SER A 138 -24.92 -7.61 -0.33
N ILE A 139 -26.16 -8.07 -0.42
CA ILE A 139 -26.59 -8.95 -1.50
C ILE A 139 -27.90 -8.42 -2.08
N ILE A 140 -27.98 -8.35 -3.41
CA ILE A 140 -29.20 -7.94 -4.10
C ILE A 140 -29.66 -9.13 -4.94
N LEU A 141 -30.96 -9.33 -5.03
CA LEU A 141 -31.56 -10.49 -5.69
C LEU A 141 -32.59 -10.02 -6.71
N PHE A 142 -32.38 -10.35 -7.98
CA PHE A 142 -33.28 -9.97 -9.06
C PHE A 142 -33.97 -11.22 -9.59
N LEU A 143 -35.25 -11.35 -9.30
CA LEU A 143 -36.06 -12.45 -9.80
C LEU A 143 -36.45 -12.05 -11.21
N ASN A 144 -36.17 -12.91 -12.17
CA ASN A 144 -36.11 -12.44 -13.54
C ASN A 144 -37.27 -12.89 -14.44
N LYS A 145 -37.74 -11.94 -15.23
CA LYS A 145 -38.74 -12.04 -16.32
C LYS A 145 -40.13 -11.96 -15.78
N THR A 146 -40.44 -12.56 -14.63
CA THR A 146 -41.61 -12.19 -13.83
C THR A 146 -42.93 -12.41 -14.55
N ASP A 147 -42.89 -12.87 -15.81
CA ASP A 147 -44.15 -12.93 -16.58
C ASP A 147 -44.43 -14.33 -17.07
N LEU A 148 -43.42 -15.03 -17.56
CA LEU A 148 -43.57 -16.45 -17.82
C LEU A 148 -43.94 -17.20 -16.55
N LEU A 149 -43.51 -16.72 -15.39
CA LEU A 149 -43.99 -17.24 -14.12
C LEU A 149 -45.49 -17.06 -13.98
N GLU A 150 -45.99 -15.87 -14.33
CA GLU A 150 -47.43 -15.62 -14.29
C GLU A 150 -48.18 -16.54 -15.23
N GLU A 151 -47.65 -16.75 -16.44
CA GLU A 151 -48.28 -17.64 -17.40
C GLU A 151 -48.29 -19.08 -16.89
N LYS A 152 -47.18 -19.52 -16.29
CA LYS A 152 -47.12 -20.87 -15.73
C LYS A 152 -48.14 -21.05 -14.61
N VAL A 153 -48.28 -20.04 -13.75
CA VAL A 153 -49.15 -20.18 -12.58
C VAL A 153 -50.60 -20.36 -13.01
N GLN A 154 -51.04 -19.61 -14.01
CA GLN A 154 -52.43 -19.70 -14.45
C GLN A 154 -52.73 -20.99 -15.21
N ILE A 155 -51.72 -21.73 -15.62
CA ILE A 155 -51.91 -22.98 -16.37
C ILE A 155 -51.59 -24.19 -15.52
N VAL A 156 -50.44 -24.19 -14.85
CA VAL A 156 -50.01 -25.32 -14.04
C VAL A 156 -49.90 -24.86 -12.60
N SER A 157 -49.94 -25.82 -11.68
CA SER A 157 -49.85 -25.55 -10.25
C SER A 157 -48.42 -25.76 -9.77
N ILE A 158 -47.99 -24.89 -8.85
CA ILE A 158 -46.64 -24.98 -8.31
C ILE A 158 -46.48 -26.08 -7.29
N LYS A 159 -47.58 -26.74 -6.90
CA LYS A 159 -47.50 -27.88 -5.98
C LYS A 159 -46.95 -29.13 -6.64
N ASP A 160 -46.92 -29.20 -7.98
CA ASP A 160 -46.42 -30.37 -8.67
C ASP A 160 -44.91 -30.55 -8.52
N TYR A 161 -44.21 -29.55 -8.03
CA TYR A 161 -42.76 -29.62 -7.83
C TYR A 161 -42.34 -29.46 -6.38
N PHE A 162 -43.02 -28.61 -5.62
CA PHE A 162 -42.76 -28.42 -4.20
C PHE A 162 -43.95 -28.90 -3.37
N LEU A 163 -43.79 -30.02 -2.68
CA LEU A 163 -44.81 -30.52 -1.78
C LEU A 163 -44.61 -29.90 -0.39
N GLU A 164 -44.44 -28.58 -0.39
CA GLU A 164 -44.23 -27.79 0.81
C GLU A 164 -45.04 -26.51 0.84
N PHE A 165 -45.66 -26.11 -0.27
CA PHE A 165 -46.38 -24.85 -0.36
C PHE A 165 -47.72 -25.01 0.36
N GLU A 166 -48.12 -23.96 1.08
CA GLU A 166 -49.45 -23.87 1.67
C GLU A 166 -50.12 -22.59 1.20
N GLY A 167 -51.27 -22.74 0.54
CA GLY A 167 -52.03 -21.62 0.03
C GLY A 167 -52.71 -21.97 -1.29
N ASP A 168 -53.04 -20.93 -2.05
CA ASP A 168 -53.74 -21.09 -3.32
C ASP A 168 -52.73 -21.33 -4.43
N PRO A 169 -52.75 -22.48 -5.10
CA PRO A 169 -51.74 -22.75 -6.12
C PRO A 169 -51.85 -21.86 -7.35
N HIS A 170 -52.96 -21.16 -7.55
CA HIS A 170 -53.17 -20.36 -8.75
C HIS A 170 -53.28 -18.87 -8.47
N CYS A 171 -52.67 -18.39 -7.39
CA CYS A 171 -52.56 -16.96 -7.12
C CYS A 171 -51.10 -16.56 -7.23
N LEU A 172 -50.83 -15.54 -8.05
CA LEU A 172 -49.45 -15.15 -8.31
C LEU A 172 -48.77 -14.63 -7.06
N ARG A 173 -49.52 -13.91 -6.22
CA ARG A 173 -48.93 -13.32 -5.03
C ARG A 173 -48.38 -14.42 -4.13
N ASP A 174 -49.19 -15.47 -3.89
CA ASP A 174 -48.74 -16.57 -3.05
C ASP A 174 -47.44 -17.17 -3.57
N VAL A 175 -47.34 -17.37 -4.88
CA VAL A 175 -46.12 -17.89 -5.48
C VAL A 175 -44.95 -16.97 -5.20
N GLN A 176 -45.17 -15.65 -5.37
CA GLN A 176 -44.08 -14.71 -5.17
C GLN A 176 -43.58 -14.74 -3.73
N LYS A 177 -44.49 -14.68 -2.76
CA LYS A 177 -44.06 -14.73 -1.36
C LYS A 177 -43.38 -16.05 -1.04
N PHE A 178 -43.89 -17.15 -1.59
CA PHE A 178 -43.28 -18.45 -1.33
C PHE A 178 -41.85 -18.49 -1.83
N LEU A 179 -41.62 -18.02 -3.06
CA LEU A 179 -40.26 -18.03 -3.61
C LEU A 179 -39.33 -17.13 -2.80
N VAL A 180 -39.79 -15.92 -2.48
CA VAL A 180 -38.94 -14.97 -1.76
C VAL A 180 -38.58 -15.53 -0.39
N GLU A 181 -39.54 -16.11 0.33
CA GLU A 181 -39.25 -16.67 1.64
C GLU A 181 -38.37 -17.90 1.54
N CYS A 182 -38.55 -18.71 0.50
CA CYS A 182 -37.68 -19.87 0.30
C CYS A 182 -36.24 -19.44 0.08
N PHE A 183 -36.03 -18.34 -0.66
CA PHE A 183 -34.68 -17.82 -0.83
C PHE A 183 -34.14 -17.25 0.48
N ARG A 184 -34.95 -16.46 1.18
CA ARG A 184 -34.46 -15.80 2.39
C ARG A 184 -34.17 -16.81 3.51
N ASN A 185 -34.78 -18.00 3.45
CA ASN A 185 -34.55 -18.99 4.48
C ASN A 185 -33.21 -19.71 4.34
N LYS A 186 -32.54 -19.60 3.20
CA LYS A 186 -31.27 -20.30 2.98
C LYS A 186 -30.10 -19.70 3.75
N ARG A 187 -30.12 -18.40 4.03
CA ARG A 187 -28.99 -17.76 4.66
C ARG A 187 -29.03 -17.94 6.18
N ARG A 188 -27.87 -17.78 6.80
CA ARG A 188 -27.72 -17.74 8.25
C ARG A 188 -27.00 -16.46 8.62
N ASP A 189 -27.15 -16.06 9.89
CA ASP A 189 -26.64 -14.78 10.39
C ASP A 189 -27.21 -13.63 9.55
N GLN A 190 -28.53 -13.47 9.62
CA GLN A 190 -29.24 -12.56 8.72
C GLN A 190 -28.82 -11.11 8.93
N GLN A 191 -28.45 -10.73 10.15
CA GLN A 191 -28.26 -9.34 10.51
C GLN A 191 -26.89 -8.80 10.13
N GLN A 192 -26.03 -9.63 9.52
CA GLN A 192 -24.70 -9.15 9.14
C GLN A 192 -24.79 -8.00 8.15
N LYS A 193 -25.57 -8.16 7.09
CA LYS A 193 -25.73 -7.13 6.06
C LYS A 193 -27.08 -7.31 5.38
N PRO A 194 -27.77 -6.21 5.05
CA PRO A 194 -29.13 -6.32 4.51
C PRO A 194 -29.18 -7.08 3.20
N LEU A 195 -30.26 -7.86 3.04
CA LEU A 195 -30.56 -8.55 1.80
C LEU A 195 -31.79 -7.89 1.16
N TYR A 196 -31.62 -7.39 -0.05
CA TYR A 196 -32.69 -6.76 -0.81
C TYR A 196 -33.17 -7.69 -1.90
N HIS A 197 -34.43 -7.53 -2.31
CA HIS A 197 -34.96 -8.28 -3.43
C HIS A 197 -35.95 -7.43 -4.19
N HIS A 198 -36.08 -7.70 -5.50
CA HIS A 198 -36.97 -6.96 -6.37
C HIS A 198 -37.53 -7.89 -7.43
N PHE A 199 -38.54 -7.41 -8.16
CA PHE A 199 -39.14 -8.12 -9.29
C PHE A 199 -39.03 -7.23 -10.52
N THR A 200 -38.40 -7.73 -11.58
CA THR A 200 -38.18 -6.98 -12.81
C THR A 200 -38.49 -7.87 -14.01
N THR A 201 -39.06 -7.26 -15.06
CA THR A 201 -39.32 -8.03 -16.28
C THR A 201 -38.48 -7.55 -17.45
N ALA A 202 -38.73 -6.31 -17.89
CA ALA A 202 -38.04 -5.72 -19.02
C ALA A 202 -37.80 -4.22 -18.80
N ILE A 203 -37.77 -3.80 -17.53
CA ILE A 203 -37.74 -2.38 -17.20
C ILE A 203 -36.49 -1.65 -17.70
N ASN A 204 -35.31 -2.17 -17.33
CA ASN A 204 -34.03 -1.78 -17.93
C ASN A 204 -33.69 -0.31 -17.72
N THR A 205 -34.64 0.46 -17.19
CA THR A 205 -34.49 1.90 -17.07
C THR A 205 -34.51 2.32 -15.62
N GLU A 206 -35.08 1.48 -14.77
CA GLU A 206 -35.10 1.74 -13.34
C GLU A 206 -34.11 0.89 -12.57
N ASN A 207 -33.45 -0.06 -13.23
CA ASN A 207 -32.47 -0.91 -12.54
C ASN A 207 -31.37 -0.09 -11.89
N ALA A 208 -30.95 0.99 -12.55
CA ALA A 208 -29.98 1.89 -11.96
C ALA A 208 -30.49 2.48 -10.66
N ARG A 209 -31.77 2.87 -10.61
CA ARG A 209 -32.33 3.42 -9.40
C ARG A 209 -32.27 2.42 -8.25
N LEU A 210 -32.68 1.17 -8.52
CA LEU A 210 -32.71 0.15 -7.47
C LEU A 210 -31.32 -0.15 -6.93
N ILE A 211 -30.36 -0.36 -7.83
CA ILE A 211 -29.00 -0.66 -7.38
C ILE A 211 -28.42 0.52 -6.61
N PHE A 212 -28.65 1.74 -7.10
CA PHE A 212 -28.15 2.93 -6.42
C PHE A 212 -28.71 3.04 -5.01
N ARG A 213 -30.03 2.83 -4.87
CA ARG A 213 -30.65 2.95 -3.56
C ARG A 213 -30.11 1.90 -2.58
N ASP A 214 -29.95 0.66 -3.05
CA ASP A 214 -29.46 -0.37 -2.15
C ASP A 214 -28.03 -0.13 -1.70
N VAL A 215 -27.16 0.31 -2.61
CA VAL A 215 -25.78 0.63 -2.23
C VAL A 215 -25.77 1.82 -1.26
N LYS A 216 -26.62 2.81 -1.48
CA LYS A 216 -26.68 3.95 -0.59
C LYS A 216 -27.09 3.54 0.82
N ASP A 217 -28.09 2.66 0.93
CA ASP A 217 -28.51 2.20 2.25
C ASP A 217 -27.40 1.39 2.93
N THR A 218 -26.64 0.61 2.15
CA THR A 218 -25.51 -0.10 2.73
C THR A 218 -24.50 0.86 3.34
N ILE A 219 -24.15 1.91 2.59
CA ILE A 219 -23.18 2.88 3.10
C ILE A 219 -23.72 3.58 4.35
N LEU A 220 -25.02 3.86 4.37
CA LEU A 220 -25.62 4.50 5.54
C LEU A 220 -25.51 3.61 6.78
N HIS A 221 -25.78 2.32 6.62
CA HIS A 221 -25.61 1.42 7.77
C HIS A 221 -24.17 1.35 8.21
N ASP A 222 -23.23 1.38 7.28
CA ASP A 222 -21.82 1.37 7.68
C ASP A 222 -21.47 2.61 8.49
N ASN A 223 -21.96 3.78 8.05
CA ASN A 223 -21.68 5.03 8.76
C ASN A 223 -22.32 5.06 10.14
N LEU A 224 -23.53 4.52 10.29
CA LEU A 224 -24.13 4.49 11.63
C LEU A 224 -23.33 3.67 12.62
N LYS A 225 -22.41 2.82 12.16
CA LYS A 225 -21.61 1.98 13.03
C LYS A 225 -20.20 2.50 13.23
N GLN A 226 -19.58 3.05 12.18
CA GLN A 226 -18.22 3.58 12.35
C GLN A 226 -18.21 4.83 13.23
N LEU A 227 -19.34 5.54 13.30
CA LEU A 227 -19.45 6.76 14.09
C LEU A 227 -19.89 6.50 15.53
N MET A 228 -20.01 5.24 15.94
CA MET A 228 -20.42 4.89 17.29
C MET A 228 -21.77 5.51 17.65
N LEU A 229 -22.80 5.07 16.93
CA LEU A 229 -24.18 5.43 17.21
C LEU A 229 -25.02 4.26 17.69
N GLN A 230 -24.39 3.11 17.93
CA GLN A 230 -25.10 1.94 18.44
C GLN A 230 -24.15 0.80 18.78
N GLU B 8 -6.87 -56.71 -18.22
CA GLU B 8 -7.37 -55.39 -18.55
C GLU B 8 -7.25 -54.43 -17.36
N LEU B 9 -8.35 -53.74 -17.04
CA LEU B 9 -8.31 -52.73 -15.99
C LEU B 9 -7.99 -53.34 -14.63
N ASP B 10 -8.59 -54.50 -14.32
CA ASP B 10 -8.37 -55.12 -13.01
C ASP B 10 -6.92 -55.56 -12.80
N GLN B 11 -6.31 -56.17 -13.81
CA GLN B 11 -4.91 -56.58 -13.68
C GLN B 11 -4.00 -55.38 -13.50
N LEU B 12 -4.24 -54.30 -14.25
CA LEU B 12 -3.44 -53.09 -14.10
C LEU B 12 -3.62 -52.47 -12.72
N ARG B 13 -4.85 -52.46 -12.20
CA ARG B 13 -5.08 -51.95 -10.86
C ARG B 13 -4.36 -52.79 -9.81
N GLN B 14 -4.41 -54.12 -9.96
CA GLN B 14 -3.71 -54.99 -9.02
C GLN B 14 -2.21 -54.76 -9.07
N GLU B 15 -1.65 -54.61 -10.27
CA GLU B 15 -0.22 -54.34 -10.39
C GLU B 15 0.13 -52.99 -9.77
N ALA B 16 -0.73 -51.99 -9.94
CA ALA B 16 -0.51 -50.69 -9.31
C ALA B 16 -0.51 -50.81 -7.78
N GLU B 17 -1.45 -51.59 -7.24
CA GLU B 17 -1.48 -51.81 -5.79
C GLU B 17 -0.22 -52.51 -5.32
N GLN B 18 0.25 -53.51 -6.06
CA GLN B 18 1.47 -54.22 -5.70
C GLN B 18 2.67 -53.28 -5.73
N LEU B 19 2.74 -52.41 -6.74
CA LEU B 19 3.85 -51.46 -6.82
C LEU B 19 3.78 -50.45 -5.68
N LYS B 20 2.57 -50.02 -5.30
CA LYS B 20 2.44 -49.12 -4.17
C LYS B 20 2.89 -49.78 -2.86
N ASN B 21 2.55 -51.06 -2.69
CA ASN B 21 3.06 -51.80 -1.55
C ASN B 21 4.59 -51.88 -1.57
N GLN B 22 5.16 -52.10 -2.75
CA GLN B 22 6.61 -52.13 -2.89
C GLN B 22 7.22 -50.79 -2.49
N ILE B 23 6.60 -49.69 -2.91
CA ILE B 23 7.13 -48.36 -2.60
C ILE B 23 7.04 -48.10 -1.10
N ARG B 24 5.91 -48.45 -0.49
CA ARG B 24 5.77 -48.26 0.96
C ARG B 24 6.79 -49.08 1.74
N ASP B 25 7.02 -50.33 1.32
CA ASP B 25 8.01 -51.16 1.98
C ASP B 25 9.42 -50.60 1.80
N ALA B 26 9.74 -50.11 0.61
CA ALA B 26 11.07 -49.55 0.37
C ALA B 26 11.29 -48.29 1.21
N ARG B 27 10.24 -47.48 1.38
CA ARG B 27 10.38 -46.30 2.22
C ARG B 27 10.48 -46.68 3.70
N LYS B 28 9.78 -47.74 4.12
CA LYS B 28 9.89 -48.16 5.51
C LYS B 28 11.27 -48.73 5.82
N ALA B 29 11.84 -49.47 4.87
CA ALA B 29 13.11 -50.17 5.13
C ALA B 29 14.30 -49.23 5.27
N CYS B 30 14.17 -47.98 4.83
CA CYS B 30 15.29 -47.04 4.84
C CYS B 30 15.35 -46.19 6.09
N ALA B 31 14.36 -46.28 6.99
CA ALA B 31 14.29 -45.44 8.18
C ALA B 31 15.13 -46.04 9.30
N ASP B 32 16.44 -45.90 9.17
CA ASP B 32 17.37 -46.39 10.18
C ASP B 32 17.79 -45.32 11.19
N ALA B 33 17.38 -44.06 10.98
CA ALA B 33 17.76 -42.97 11.87
C ALA B 33 16.82 -41.79 11.60
N THR B 34 17.05 -40.70 12.33
CA THR B 34 16.24 -39.51 12.17
C THR B 34 17.06 -38.28 12.57
N LEU B 35 16.68 -37.13 12.00
CA LEU B 35 17.30 -35.88 12.39
C LEU B 35 16.99 -35.51 13.84
N SER B 36 15.79 -35.85 14.30
CA SER B 36 15.39 -35.48 15.66
C SER B 36 16.30 -36.10 16.72
N GLN B 37 17.07 -37.12 16.38
CA GLN B 37 18.06 -37.72 17.27
C GLN B 37 19.49 -37.35 16.92
N ILE B 38 19.85 -37.35 15.64
CA ILE B 38 21.23 -37.05 15.25
C ILE B 38 21.57 -35.60 15.57
N THR B 39 20.60 -34.69 15.42
CA THR B 39 20.82 -33.27 15.66
C THR B 39 20.88 -32.91 17.13
N ASN B 40 20.83 -33.89 18.03
CA ASN B 40 20.91 -33.63 19.47
C ASN B 40 22.29 -33.13 19.89
N ASN B 41 23.29 -33.21 19.02
CA ASN B 41 24.63 -32.71 19.31
C ASN B 41 24.86 -31.31 18.77
N ILE B 42 23.83 -30.64 18.29
CA ILE B 42 23.94 -29.33 17.68
C ILE B 42 23.65 -28.27 18.74
N ASP B 43 24.53 -27.28 18.83
CA ASP B 43 24.28 -26.15 19.72
C ASP B 43 23.14 -25.31 19.15
N PRO B 44 22.18 -24.91 19.97
CA PRO B 44 21.08 -24.08 19.47
C PRO B 44 21.60 -22.74 18.97
N VAL B 45 20.85 -22.15 18.04
CA VAL B 45 21.25 -20.85 17.49
C VAL B 45 20.98 -19.73 18.47
N GLY B 46 20.16 -19.96 19.48
CA GLY B 46 19.83 -18.91 20.43
C GLY B 46 18.71 -18.02 19.94
N ARG B 47 18.59 -16.88 20.61
CA ARG B 47 17.55 -15.90 20.29
C ARG B 47 18.05 -14.98 19.18
N ILE B 48 17.25 -14.84 18.13
CA ILE B 48 17.59 -14.00 16.99
C ILE B 48 16.66 -12.81 16.99
N GLN B 49 17.23 -11.61 16.92
CA GLN B 49 16.47 -10.37 16.99
C GLN B 49 16.82 -9.50 15.79
N MET B 50 15.79 -8.97 15.13
CA MET B 50 15.96 -8.19 13.92
C MET B 50 15.15 -6.90 14.01
N ARG B 51 15.65 -5.85 13.36
CA ARG B 51 15.05 -4.53 13.36
C ARG B 51 14.81 -4.06 11.94
N THR B 52 13.79 -3.23 11.78
CA THR B 52 13.44 -2.71 10.48
C THR B 52 14.40 -1.62 10.08
N ARG B 53 15.01 -1.76 8.90
CA ARG B 53 15.93 -0.75 8.38
C ARG B 53 15.25 0.25 7.45
N ARG B 54 14.40 -0.21 6.56
CA ARG B 54 13.70 0.66 5.62
C ARG B 54 12.24 0.27 5.54
N THR B 55 11.39 1.24 5.20
CA THR B 55 9.99 1.00 4.93
C THR B 55 9.64 1.70 3.63
N LEU B 56 9.15 0.93 2.65
CA LEU B 56 8.94 1.40 1.29
C LEU B 56 7.44 1.61 1.07
N ARG B 57 7.06 2.85 0.78
CA ARG B 57 5.67 3.26 0.70
C ARG B 57 5.28 3.68 -0.71
N GLY B 58 4.01 3.49 -1.05
CA GLY B 58 3.52 3.94 -2.33
C GLY B 58 2.46 3.10 -3.04
N HIS B 59 2.37 1.80 -2.77
CA HIS B 59 1.28 1.02 -3.34
C HIS B 59 -0.05 1.49 -2.77
N LEU B 60 -1.12 1.32 -3.53
CA LEU B 60 -2.45 1.80 -3.14
C LEU B 60 -3.40 0.69 -2.73
N ALA B 61 -2.93 -0.54 -2.59
CA ALA B 61 -3.81 -1.67 -2.29
C ALA B 61 -2.94 -2.82 -1.77
N LYS B 62 -3.54 -4.00 -1.69
CA LYS B 62 -2.82 -5.18 -1.24
C LYS B 62 -1.63 -5.46 -2.14
N ILE B 63 -0.60 -6.09 -1.57
CA ILE B 63 0.59 -6.49 -2.32
C ILE B 63 0.57 -8.00 -2.45
N TYR B 64 0.87 -8.51 -3.66
CA TYR B 64 0.70 -9.93 -3.92
C TYR B 64 1.99 -10.68 -4.22
N ALA B 65 3.04 -10.02 -4.71
CA ALA B 65 4.26 -10.74 -5.07
C ALA B 65 5.45 -9.81 -5.05
N MET B 66 6.64 -10.40 -5.00
CA MET B 66 7.91 -9.69 -5.12
C MET B 66 8.97 -10.63 -5.63
N HIS B 67 10.12 -10.06 -6.02
CA HIS B 67 11.27 -10.86 -6.41
C HIS B 67 12.53 -10.00 -6.37
N TRP B 68 13.55 -10.48 -5.64
CA TRP B 68 14.84 -9.80 -5.56
C TRP B 68 15.64 -9.94 -6.84
N GLY B 69 16.35 -8.88 -7.21
CA GLY B 69 17.31 -8.94 -8.29
C GLY B 69 18.54 -9.72 -7.90
N THR B 70 19.40 -9.96 -8.90
CA THR B 70 20.58 -10.78 -8.68
C THR B 70 21.80 -9.99 -8.24
N ASP B 71 21.71 -8.67 -8.19
CA ASP B 71 22.79 -7.86 -7.63
C ASP B 71 22.57 -7.53 -6.16
N SER B 72 21.44 -7.96 -5.59
CA SER B 72 21.08 -7.78 -4.19
C SER B 72 20.76 -6.34 -3.85
N ARG B 73 20.37 -5.52 -4.82
CA ARG B 73 20.08 -4.12 -4.57
C ARG B 73 18.73 -3.67 -5.10
N LEU B 74 18.29 -4.17 -6.25
CA LEU B 74 17.03 -3.77 -6.85
C LEU B 74 15.98 -4.86 -6.67
N LEU B 75 14.71 -4.45 -6.56
CA LEU B 75 13.64 -5.44 -6.41
C LEU B 75 12.35 -4.94 -7.07
N VAL B 76 11.42 -5.86 -7.30
CA VAL B 76 10.18 -5.57 -8.02
C VAL B 76 9.00 -6.12 -7.23
N SER B 77 7.88 -5.40 -7.24
CA SER B 77 6.67 -5.86 -6.55
C SER B 77 5.43 -5.50 -7.34
N ALA B 78 4.35 -6.28 -7.12
CA ALA B 78 3.08 -6.12 -7.81
C ALA B 78 1.94 -5.99 -6.81
N SER B 79 0.97 -5.15 -7.15
CA SER B 79 -0.15 -4.92 -6.24
C SER B 79 -1.48 -5.14 -6.92
N GLN B 80 -2.54 -5.08 -6.10
CA GLN B 80 -3.89 -5.39 -6.56
C GLN B 80 -4.51 -4.25 -7.35
N ASP B 81 -3.93 -3.05 -7.31
CA ASP B 81 -4.39 -1.96 -8.15
C ASP B 81 -3.83 -2.03 -9.56
N GLY B 82 -3.11 -3.10 -9.89
CA GLY B 82 -2.62 -3.28 -11.24
C GLY B 82 -1.38 -2.49 -11.57
N LYS B 83 -0.34 -2.59 -10.74
CA LYS B 83 0.93 -1.92 -10.98
C LYS B 83 2.08 -2.78 -10.53
N LEU B 84 3.21 -2.62 -11.25
CA LEU B 84 4.51 -3.09 -10.82
C LEU B 84 5.35 -1.87 -10.46
N ILE B 85 6.15 -1.99 -9.40
CA ILE B 85 7.12 -0.96 -9.07
C ILE B 85 8.48 -1.62 -8.90
N ILE B 86 9.50 -1.00 -9.50
CA ILE B 86 10.89 -1.41 -9.36
C ILE B 86 11.58 -0.42 -8.46
N TRP B 87 12.06 -0.91 -7.31
CA TRP B 87 12.59 -0.16 -6.19
C TRP B 87 14.11 -0.33 -6.09
N ASP B 88 14.76 0.74 -5.66
CA ASP B 88 16.13 0.72 -5.17
C ASP B 88 16.07 0.73 -3.64
N SER B 89 16.73 -0.24 -3.00
CA SER B 89 16.50 -0.43 -1.57
C SER B 89 17.56 0.20 -0.69
N TYR B 90 18.74 0.54 -1.23
CA TYR B 90 19.74 1.22 -0.41
C TYR B 90 19.34 2.65 -0.08
N THR B 91 18.60 3.29 -0.97
CA THR B 91 18.20 4.69 -0.81
C THR B 91 16.69 4.88 -0.72
N THR B 92 15.90 3.86 -1.02
CA THR B 92 14.44 3.85 -1.10
C THR B 92 13.90 4.62 -2.30
N ASN B 93 14.72 4.91 -3.30
CA ASN B 93 14.24 5.59 -4.49
C ASN B 93 13.45 4.63 -5.37
N LYS B 94 12.39 5.15 -5.98
CA LYS B 94 11.70 4.41 -7.03
C LYS B 94 12.46 4.56 -8.34
N VAL B 95 12.70 3.44 -9.01
CA VAL B 95 13.41 3.44 -10.28
C VAL B 95 12.44 3.33 -11.45
N HIS B 96 11.40 2.50 -11.33
CA HIS B 96 10.39 2.42 -12.40
C HIS B 96 9.02 2.16 -11.81
N ALA B 97 7.99 2.59 -12.55
CA ALA B 97 6.60 2.32 -12.21
C ALA B 97 5.85 1.94 -13.48
N ILE B 98 5.40 0.70 -13.56
CA ILE B 98 4.85 0.12 -14.78
C ILE B 98 3.36 -0.14 -14.59
N PRO B 99 2.49 0.44 -15.42
CA PRO B 99 1.06 0.14 -15.34
C PRO B 99 0.67 -1.03 -16.23
N LEU B 100 -0.19 -1.88 -15.70
CA LEU B 100 -0.57 -3.12 -16.36
C LEU B 100 -1.86 -2.96 -17.15
N ARG B 101 -2.20 -4.01 -17.91
CA ARG B 101 -3.41 -4.02 -18.72
C ARG B 101 -4.63 -4.56 -17.98
N SER B 102 -4.46 -5.18 -16.82
CA SER B 102 -5.59 -5.73 -16.09
C SER B 102 -5.22 -5.84 -14.61
N SER B 103 -6.14 -5.37 -13.76
CA SER B 103 -5.86 -5.23 -12.34
C SER B 103 -5.72 -6.54 -11.59
N TRP B 104 -6.04 -7.67 -12.22
CA TRP B 104 -6.04 -8.96 -11.53
C TRP B 104 -4.71 -9.68 -11.81
N VAL B 105 -3.72 -9.35 -10.98
CA VAL B 105 -2.36 -9.86 -11.13
C VAL B 105 -2.01 -10.69 -9.90
N MET B 106 -1.23 -11.76 -10.09
CA MET B 106 -0.95 -12.69 -9.02
C MET B 106 0.50 -13.15 -8.90
N THR B 107 1.41 -12.72 -9.78
CA THR B 107 2.76 -13.27 -9.75
C THR B 107 3.74 -12.30 -10.41
N CYS B 108 5.03 -12.46 -10.06
CA CYS B 108 6.13 -11.66 -10.57
C CYS B 108 7.38 -12.52 -10.77
N ALA B 109 8.28 -12.02 -11.61
CA ALA B 109 9.60 -12.59 -11.80
C ALA B 109 10.55 -11.50 -12.27
N TYR B 110 11.83 -11.66 -11.98
CA TYR B 110 12.82 -10.65 -12.33
C TYR B 110 13.97 -11.41 -12.99
N ALA B 111 14.37 -11.00 -14.19
CA ALA B 111 15.27 -11.82 -14.98
C ALA B 111 16.67 -11.84 -14.36
N PRO B 112 17.39 -12.97 -14.48
CA PRO B 112 18.72 -13.05 -13.85
C PRO B 112 19.73 -12.08 -14.42
N SER B 113 19.61 -11.70 -15.69
CA SER B 113 20.53 -10.75 -16.29
C SER B 113 20.12 -9.30 -16.05
N GLY B 114 18.86 -9.05 -15.72
CA GLY B 114 18.40 -7.71 -15.42
C GLY B 114 17.75 -6.97 -16.56
N ASN B 115 17.46 -7.64 -17.66
CA ASN B 115 16.94 -6.97 -18.84
C ASN B 115 15.41 -7.02 -18.94
N TYR B 116 14.76 -8.00 -18.35
CA TYR B 116 13.32 -8.22 -18.52
C TYR B 116 12.65 -8.44 -17.18
N VAL B 117 11.32 -8.24 -17.17
CA VAL B 117 10.45 -8.73 -16.09
C VAL B 117 9.24 -9.39 -16.70
N ALA B 118 8.45 -10.07 -15.85
CA ALA B 118 7.28 -10.80 -16.30
C ALA B 118 6.16 -10.68 -15.28
N CYS B 119 4.92 -10.91 -15.72
CA CYS B 119 3.77 -10.90 -14.82
C CYS B 119 2.63 -11.70 -15.43
N GLY B 120 1.64 -12.00 -14.60
CA GLY B 120 0.50 -12.82 -15.01
C GLY B 120 -0.58 -12.82 -13.96
N GLY B 121 -1.70 -13.46 -14.29
CA GLY B 121 -2.84 -13.50 -13.38
C GLY B 121 -4.09 -14.19 -13.88
N LEU B 122 -5.27 -13.63 -13.59
CA LEU B 122 -6.56 -14.24 -13.93
C LEU B 122 -6.92 -14.14 -15.40
N ASP B 123 -6.05 -13.56 -16.24
CA ASP B 123 -6.37 -13.40 -17.65
C ASP B 123 -5.80 -14.53 -18.50
N ASN B 124 -5.16 -15.52 -17.88
CA ASN B 124 -4.67 -16.71 -18.57
C ASN B 124 -3.52 -16.38 -19.54
N ILE B 125 -2.83 -15.26 -19.32
CA ILE B 125 -1.79 -14.78 -20.21
C ILE B 125 -0.59 -14.37 -19.38
N CYS B 126 0.62 -14.63 -19.90
CA CYS B 126 1.86 -14.20 -19.26
C CYS B 126 2.53 -13.13 -20.12
N SER B 127 2.75 -11.95 -19.53
CA SER B 127 3.32 -10.82 -20.27
C SER B 127 4.76 -10.58 -19.85
N ILE B 128 5.59 -10.24 -20.84
CA ILE B 128 7.03 -10.07 -20.68
C ILE B 128 7.40 -8.68 -21.16
N TYR B 129 8.05 -7.91 -20.26
CA TYR B 129 8.38 -6.50 -20.45
C TYR B 129 9.89 -6.30 -20.54
N ASN B 130 10.29 -5.38 -21.43
CA ASN B 130 11.69 -5.07 -21.73
C ASN B 130 12.05 -3.76 -21.04
N LEU B 131 13.11 -3.80 -20.21
CA LEU B 131 13.48 -2.66 -19.38
C LEU B 131 14.54 -1.76 -20.01
N LYS B 132 15.08 -2.10 -21.17
CA LYS B 132 16.20 -1.38 -21.77
C LYS B 132 15.91 -1.09 -23.24
N THR B 133 15.34 0.08 -23.49
CA THR B 133 15.02 0.53 -24.85
C THR B 133 15.65 1.89 -25.11
N ARG B 134 15.92 2.16 -26.38
CA ARG B 134 16.58 3.41 -26.75
C ARG B 134 15.68 4.62 -26.53
N GLU B 135 14.36 4.43 -26.50
CA GLU B 135 13.42 5.53 -26.36
C GLU B 135 13.24 5.97 -24.91
N GLY B 136 13.73 5.21 -23.95
CA GLY B 136 13.63 5.61 -22.56
C GLY B 136 12.35 5.23 -21.85
N ASN B 137 11.54 4.35 -22.44
CA ASN B 137 10.36 3.86 -21.76
C ASN B 137 10.41 2.34 -21.62
N VAL B 138 9.39 1.75 -21.01
CA VAL B 138 9.27 0.30 -20.86
C VAL B 138 8.08 -0.15 -21.68
N ARG B 139 8.31 -1.09 -22.59
CA ARG B 139 7.29 -1.54 -23.51
C ARG B 139 7.16 -3.06 -23.43
N VAL B 140 6.00 -3.57 -23.82
CA VAL B 140 5.73 -5.00 -23.75
C VAL B 140 6.50 -5.71 -24.87
N SER B 141 7.29 -6.70 -24.48
CA SER B 141 8.08 -7.46 -25.45
C SER B 141 7.38 -8.71 -25.94
N ARG B 142 6.55 -9.35 -25.12
CA ARG B 142 5.89 -10.58 -25.57
C ARG B 142 4.66 -10.88 -24.73
N GLU B 143 3.69 -11.55 -25.33
CA GLU B 143 2.51 -12.05 -24.64
C GLU B 143 2.35 -13.53 -24.96
N LEU B 144 2.31 -14.36 -23.92
CA LEU B 144 2.18 -15.81 -24.08
C LEU B 144 0.77 -16.22 -23.68
N ALA B 145 0.08 -16.91 -24.58
CA ALA B 145 -1.28 -17.36 -24.38
C ALA B 145 -1.41 -18.81 -24.83
N GLY B 146 -2.34 -19.53 -24.20
CA GLY B 146 -2.50 -20.95 -24.47
C GLY B 146 -2.87 -21.78 -23.26
N HIS B 147 -2.86 -21.18 -22.07
CA HIS B 147 -3.32 -21.85 -20.87
C HIS B 147 -4.84 -21.75 -20.76
N THR B 148 -5.42 -22.66 -19.97
CA THR B 148 -6.87 -22.67 -19.75
C THR B 148 -7.28 -22.03 -18.43
N GLY B 149 -6.59 -22.31 -17.34
CA GLY B 149 -6.82 -21.65 -16.07
C GLY B 149 -5.90 -20.47 -15.86
N TYR B 150 -6.07 -19.81 -14.73
CA TYR B 150 -5.26 -18.65 -14.39
C TYR B 150 -3.81 -19.06 -14.12
N LEU B 151 -2.94 -18.06 -14.05
CA LEU B 151 -1.50 -18.27 -13.86
C LEU B 151 -1.15 -18.13 -12.39
N SER B 152 -0.39 -19.10 -11.87
CA SER B 152 -0.07 -19.11 -10.44
C SER B 152 1.39 -18.80 -10.13
N CYS B 153 2.32 -19.13 -11.03
CA CYS B 153 3.72 -18.81 -10.80
C CYS B 153 4.46 -18.81 -12.12
N CYS B 154 5.58 -18.08 -12.17
CA CYS B 154 6.41 -17.96 -13.36
C CYS B 154 7.85 -17.66 -12.95
N ARG B 155 8.80 -18.39 -13.53
CA ARG B 155 10.21 -18.21 -13.20
C ARG B 155 11.07 -18.31 -14.45
N PHE B 156 11.97 -17.35 -14.62
CA PHE B 156 12.89 -17.33 -15.76
C PHE B 156 13.95 -18.41 -15.62
N LEU B 157 14.38 -18.97 -16.75
CA LEU B 157 15.60 -19.76 -16.82
C LEU B 157 16.77 -18.96 -17.39
N ASP B 158 16.52 -18.21 -18.45
CA ASP B 158 17.45 -17.25 -19.02
C ASP B 158 16.64 -16.26 -19.85
N ASP B 159 17.32 -15.45 -20.65
CA ASP B 159 16.62 -14.45 -21.45
C ASP B 159 15.71 -15.05 -22.51
N ASN B 160 15.85 -16.35 -22.80
CA ASN B 160 15.14 -16.98 -23.91
C ASN B 160 14.02 -17.91 -23.51
N GLN B 161 14.05 -18.49 -22.30
CA GLN B 161 13.10 -19.52 -21.91
C GLN B 161 12.42 -19.16 -20.60
N ILE B 162 11.17 -19.61 -20.43
CA ILE B 162 10.42 -19.38 -19.21
C ILE B 162 9.59 -20.62 -18.90
N VAL B 163 9.15 -20.75 -17.65
CA VAL B 163 8.33 -21.87 -17.19
C VAL B 163 7.19 -21.32 -16.34
N THR B 164 5.98 -21.83 -16.57
CA THR B 164 4.78 -21.32 -15.92
C THR B 164 3.90 -22.47 -15.42
N SER B 165 3.07 -22.17 -14.43
CA SER B 165 2.12 -23.13 -13.88
C SER B 165 0.74 -22.48 -13.78
N SER B 166 -0.30 -23.29 -13.94
CA SER B 166 -1.65 -22.78 -14.06
C SER B 166 -2.54 -23.43 -13.01
N GLY B 167 -3.77 -22.95 -12.95
CA GLY B 167 -4.83 -23.56 -12.17
C GLY B 167 -5.67 -24.57 -12.95
N ASP B 168 -5.03 -25.26 -13.89
CA ASP B 168 -5.75 -26.30 -14.63
C ASP B 168 -5.03 -27.65 -14.62
N THR B 169 -4.10 -27.91 -13.64
CA THR B 169 -3.34 -29.09 -13.46
C THR B 169 -2.19 -29.23 -14.46
N THR B 170 -1.73 -28.14 -15.09
CA THR B 170 -0.68 -28.22 -16.09
C THR B 170 0.48 -27.29 -15.75
N CYS B 171 1.64 -27.61 -16.31
CA CYS B 171 2.80 -26.72 -16.29
C CYS B 171 3.40 -26.69 -17.70
N ALA B 172 4.08 -25.61 -18.03
CA ALA B 172 4.57 -25.47 -19.40
C ALA B 172 5.93 -24.80 -19.42
N LEU B 173 6.77 -25.24 -20.36
CA LEU B 173 8.05 -24.62 -20.66
C LEU B 173 7.96 -23.98 -22.05
N TRP B 174 8.19 -22.67 -22.10
CA TRP B 174 7.99 -21.84 -23.29
C TRP B 174 9.31 -21.29 -23.79
N ASP B 175 9.43 -21.23 -25.12
CA ASP B 175 10.49 -20.51 -25.81
C ASP B 175 9.93 -19.14 -26.19
N ILE B 176 10.57 -18.09 -25.68
CA ILE B 176 10.00 -16.75 -25.80
C ILE B 176 10.04 -16.23 -27.23
N GLU B 177 11.08 -16.59 -27.99
CA GLU B 177 11.28 -15.98 -29.30
C GLU B 177 10.14 -16.28 -30.27
N THR B 178 9.64 -17.51 -30.30
CA THR B 178 8.53 -17.86 -31.17
C THR B 178 7.18 -17.81 -30.48
N GLY B 179 7.14 -17.95 -29.15
CA GLY B 179 5.89 -17.87 -28.42
C GLY B 179 5.09 -19.14 -28.34
N GLN B 180 5.66 -20.28 -28.68
CA GLN B 180 4.96 -21.55 -28.67
C GLN B 180 5.52 -22.45 -27.56
N GLN B 181 4.62 -23.24 -26.97
CA GLN B 181 5.01 -24.12 -25.88
C GLN B 181 6.00 -25.18 -26.35
N THR B 182 7.22 -25.11 -25.83
CA THR B 182 8.22 -26.12 -26.13
C THR B 182 7.91 -27.46 -25.48
N THR B 183 7.45 -27.48 -24.22
CA THR B 183 7.03 -28.75 -23.65
C THR B 183 6.00 -28.53 -22.56
N THR B 184 5.23 -29.59 -22.28
CA THR B 184 4.18 -29.54 -21.28
C THR B 184 4.39 -30.64 -20.25
N PHE B 185 3.95 -30.37 -19.03
CA PHE B 185 4.04 -31.30 -17.91
C PHE B 185 2.66 -31.46 -17.32
N THR B 186 2.17 -32.71 -17.28
CA THR B 186 0.83 -33.03 -16.83
C THR B 186 0.87 -34.20 -15.86
N GLY B 187 -0.18 -34.33 -15.06
CA GLY B 187 -0.28 -35.44 -14.14
C GLY B 187 -0.95 -35.11 -12.81
N HIS B 188 -1.00 -33.84 -12.45
CA HIS B 188 -1.72 -33.44 -11.25
C HIS B 188 -3.23 -33.61 -11.47
N THR B 189 -3.97 -33.58 -10.36
CA THR B 189 -5.42 -33.66 -10.40
C THR B 189 -6.12 -32.35 -10.01
N GLY B 190 -5.55 -31.58 -9.09
CA GLY B 190 -6.09 -30.29 -8.73
C GLY B 190 -5.24 -29.14 -9.25
N ASP B 191 -5.66 -27.93 -8.89
CA ASP B 191 -4.95 -26.73 -9.30
C ASP B 191 -3.54 -26.71 -8.74
N VAL B 192 -2.62 -26.05 -9.46
CA VAL B 192 -1.23 -25.98 -9.03
C VAL B 192 -0.97 -24.60 -8.45
N MET B 193 -0.43 -24.57 -7.23
CA MET B 193 -0.11 -23.33 -6.51
C MET B 193 1.27 -22.77 -6.80
N SER B 194 2.32 -23.56 -6.66
CA SER B 194 3.65 -22.98 -6.72
C SER B 194 4.65 -23.98 -7.27
N LEU B 195 5.75 -23.43 -7.78
CA LEU B 195 6.89 -24.17 -8.31
C LEU B 195 8.18 -23.49 -7.88
N SER B 196 9.26 -24.26 -7.84
CA SER B 196 10.57 -23.73 -7.51
C SER B 196 11.65 -24.42 -8.34
N LEU B 197 12.61 -23.61 -8.81
CA LEU B 197 13.68 -24.05 -9.69
C LEU B 197 14.91 -24.47 -8.91
N ALA B 198 15.67 -25.40 -9.50
CA ALA B 198 16.90 -25.84 -8.88
C ALA B 198 18.00 -24.80 -9.08
N PRO B 199 19.00 -24.77 -8.19
CA PRO B 199 20.10 -23.82 -8.37
C PRO B 199 20.84 -23.98 -9.70
N ASP B 200 21.06 -25.22 -10.15
CA ASP B 200 21.77 -25.48 -11.39
C ASP B 200 20.84 -25.46 -12.60
N THR B 201 19.53 -25.30 -12.38
CA THR B 201 18.54 -25.17 -13.44
C THR B 201 18.40 -26.38 -14.36
N ARG B 202 18.23 -27.54 -13.75
CA ARG B 202 18.02 -28.79 -14.48
C ARG B 202 16.73 -29.49 -14.12
N LEU B 203 16.21 -29.26 -12.91
CA LEU B 203 14.96 -29.85 -12.45
C LEU B 203 14.12 -28.77 -11.78
N PHE B 204 12.90 -29.12 -11.39
CA PHE B 204 12.10 -28.22 -10.57
C PHE B 204 11.01 -29.01 -9.85
N VAL B 205 10.37 -28.36 -8.87
CA VAL B 205 9.34 -29.00 -8.06
C VAL B 205 8.07 -28.17 -8.06
N SER B 206 6.93 -28.83 -7.87
CA SER B 206 5.66 -28.11 -7.81
C SER B 206 4.70 -28.78 -6.84
N GLY B 207 3.80 -27.98 -6.27
CA GLY B 207 2.81 -28.44 -5.30
C GLY B 207 1.43 -28.01 -5.77
N ALA B 208 0.46 -28.93 -5.70
CA ALA B 208 -0.75 -28.74 -6.50
C ALA B 208 -1.98 -29.24 -5.76
N CYS B 209 -2.26 -28.72 -4.57
CA CYS B 209 -3.58 -28.79 -3.93
C CYS B 209 -4.09 -30.21 -3.68
N ASP B 210 -3.30 -31.23 -3.99
CA ASP B 210 -3.67 -32.60 -3.65
C ASP B 210 -3.06 -33.02 -2.33
N ALA B 211 -2.42 -32.10 -1.62
CA ALA B 211 -1.45 -32.43 -0.58
C ALA B 211 -0.35 -33.31 -1.16
N SER B 212 -0.03 -33.08 -2.42
CA SER B 212 0.97 -33.87 -3.13
C SER B 212 1.93 -32.92 -3.83
N ALA B 213 3.17 -33.37 -3.96
CA ALA B 213 4.21 -32.60 -4.63
C ALA B 213 4.89 -33.49 -5.65
N LYS B 214 5.32 -32.89 -6.76
CA LYS B 214 5.94 -33.65 -7.84
C LYS B 214 7.26 -33.00 -8.28
N LEU B 215 8.20 -33.86 -8.65
CA LEU B 215 9.51 -33.44 -9.16
C LEU B 215 9.58 -33.67 -10.67
N TRP B 216 9.97 -32.64 -11.41
CA TRP B 216 9.97 -32.66 -12.87
C TRP B 216 11.36 -32.41 -13.42
N ASP B 217 11.67 -33.09 -14.53
CA ASP B 217 12.86 -32.83 -15.34
C ASP B 217 12.47 -31.89 -16.47
N VAL B 218 13.27 -30.85 -16.69
CA VAL B 218 12.89 -29.79 -17.61
C VAL B 218 12.87 -30.29 -19.05
N ARG B 219 13.94 -30.96 -19.48
CA ARG B 219 14.10 -31.32 -20.88
C ARG B 219 13.43 -32.63 -21.25
N GLU B 220 13.46 -33.62 -20.36
CA GLU B 220 12.90 -34.93 -20.69
C GLU B 220 11.37 -34.93 -20.67
N GLY B 221 10.76 -34.11 -19.82
CA GLY B 221 9.32 -33.95 -19.83
C GLY B 221 8.51 -35.03 -19.16
N MET B 222 8.98 -35.57 -18.05
CA MET B 222 8.16 -36.51 -17.28
C MET B 222 8.41 -36.32 -15.79
N CYS B 223 7.43 -36.74 -15.00
CA CYS B 223 7.53 -36.72 -13.55
C CYS B 223 8.42 -37.86 -13.08
N ARG B 224 9.26 -37.59 -12.09
CA ARG B 224 10.14 -38.60 -11.54
C ARG B 224 9.76 -39.10 -10.16
N GLN B 225 9.38 -38.20 -9.25
CA GLN B 225 9.06 -38.58 -7.89
C GLN B 225 7.83 -37.82 -7.43
N THR B 226 7.06 -38.45 -6.55
CA THR B 226 5.85 -37.88 -5.97
C THR B 226 5.88 -38.04 -4.46
N PHE B 227 5.64 -36.96 -3.73
CA PHE B 227 5.68 -36.94 -2.27
C PHE B 227 4.30 -36.58 -1.73
N THR B 228 3.87 -37.29 -0.69
CA THR B 228 2.57 -37.07 -0.06
C THR B 228 2.73 -36.92 1.44
N GLY B 229 1.65 -36.49 2.09
CA GLY B 229 1.64 -36.39 3.54
C GLY B 229 0.89 -35.24 4.15
N HIS B 230 0.72 -34.12 3.44
CA HIS B 230 -0.08 -33.04 3.99
C HIS B 230 -1.56 -33.44 4.04
N GLU B 231 -2.35 -32.62 4.73
CA GLU B 231 -3.78 -32.87 4.84
C GLU B 231 -4.62 -31.92 3.99
N SER B 232 -4.05 -30.84 3.48
CA SER B 232 -4.80 -29.86 2.73
C SER B 232 -3.88 -29.24 1.68
N ASP B 233 -4.28 -28.09 1.15
CA ASP B 233 -3.57 -27.47 0.04
C ASP B 233 -2.14 -27.11 0.40
N ILE B 234 -1.23 -27.19 -0.56
CA ILE B 234 0.15 -26.75 -0.43
C ILE B 234 0.25 -25.37 -1.06
N ASN B 235 0.65 -24.38 -0.26
CA ASN B 235 0.64 -22.99 -0.69
C ASN B 235 2.02 -22.40 -0.98
N ALA B 236 3.10 -23.10 -0.63
CA ALA B 236 4.44 -22.58 -0.87
C ALA B 236 5.43 -23.74 -0.97
N ILE B 237 6.57 -23.46 -1.60
CA ILE B 237 7.60 -24.48 -1.82
C ILE B 237 8.89 -23.77 -2.23
N CYS B 238 10.03 -24.31 -1.81
CA CYS B 238 11.33 -23.76 -2.19
C CYS B 238 12.41 -24.83 -2.02
N PHE B 239 13.57 -24.58 -2.61
CA PHE B 239 14.73 -25.48 -2.52
C PHE B 239 15.70 -25.10 -1.42
N PHE B 240 16.27 -26.13 -0.79
CA PHE B 240 17.43 -25.98 0.07
C PHE B 240 18.64 -25.58 -0.78
N PRO B 241 19.56 -24.78 -0.23
CA PRO B 241 20.57 -24.14 -1.09
C PRO B 241 21.41 -25.07 -1.95
N ASN B 242 21.68 -26.30 -1.50
CA ASN B 242 22.49 -27.20 -2.31
C ASN B 242 21.68 -28.04 -3.28
N GLY B 243 20.36 -27.81 -3.35
CA GLY B 243 19.55 -28.34 -4.42
C GLY B 243 19.12 -29.79 -4.30
N ASN B 244 19.26 -30.39 -3.12
CA ASN B 244 18.80 -31.77 -2.91
C ASN B 244 17.89 -31.89 -1.70
N ALA B 245 17.08 -30.86 -1.42
CA ALA B 245 16.04 -30.92 -0.41
C ALA B 245 15.06 -29.79 -0.68
N PHE B 246 13.86 -29.90 -0.11
CA PHE B 246 12.90 -28.82 -0.29
C PHE B 246 11.90 -28.83 0.86
N ALA B 247 11.23 -27.68 1.05
CA ALA B 247 10.34 -27.48 2.19
C ALA B 247 8.99 -27.00 1.71
N THR B 248 7.94 -27.58 2.28
CA THR B 248 6.57 -27.29 1.87
C THR B 248 5.82 -26.62 3.02
N GLY B 249 4.94 -25.71 2.67
CA GLY B 249 4.05 -25.09 3.64
C GLY B 249 2.62 -25.22 3.17
N SER B 250 1.75 -25.63 4.10
CA SER B 250 0.38 -25.95 3.72
C SER B 250 -0.65 -25.16 4.52
N ASP B 251 -1.91 -25.53 4.37
CA ASP B 251 -3.03 -24.77 4.91
C ASP B 251 -3.60 -25.38 6.19
N ASP B 252 -2.88 -26.33 6.79
CA ASP B 252 -3.23 -26.88 8.09
C ASP B 252 -2.23 -26.47 9.17
N ALA B 253 -1.59 -25.32 9.00
CA ALA B 253 -0.64 -24.77 9.99
C ALA B 253 0.55 -25.69 10.21
N THR B 254 1.17 -26.15 9.11
CA THR B 254 2.28 -27.08 9.19
C THR B 254 3.24 -26.85 8.03
N CYS B 255 4.54 -26.90 8.33
CA CYS B 255 5.58 -26.98 7.31
C CYS B 255 6.24 -28.34 7.40
N ARG B 256 6.83 -28.79 6.30
CA ARG B 256 7.50 -30.08 6.27
C ARG B 256 8.76 -30.02 5.41
N LEU B 257 9.68 -30.94 5.65
CA LEU B 257 10.92 -31.03 4.89
C LEU B 257 10.98 -32.38 4.17
N PHE B 258 11.28 -32.36 2.87
CA PHE B 258 11.45 -33.56 2.07
C PHE B 258 12.85 -33.60 1.46
N ASP B 259 13.37 -34.82 1.32
CA ASP B 259 14.67 -35.07 0.71
C ASP B 259 14.47 -35.88 -0.56
N LEU B 260 15.14 -35.47 -1.64
CA LEU B 260 14.87 -36.04 -2.95
C LEU B 260 15.48 -37.43 -3.13
N ARG B 261 16.48 -37.78 -2.31
CA ARG B 261 17.14 -39.07 -2.46
C ARG B 261 16.56 -40.15 -1.57
N ALA B 262 16.22 -39.83 -0.32
CA ALA B 262 15.62 -40.82 0.57
C ALA B 262 14.14 -41.06 0.27
N ASP B 263 13.50 -40.13 -0.45
CA ASP B 263 12.14 -40.30 -0.94
C ASP B 263 11.11 -40.40 0.20
N GLN B 264 11.33 -39.62 1.25
CA GLN B 264 10.38 -39.57 2.35
C GLN B 264 10.67 -38.33 3.19
N GLU B 265 9.86 -38.16 4.24
CA GLU B 265 9.86 -36.96 5.04
C GLU B 265 10.93 -37.03 6.13
N LEU B 266 11.42 -35.86 6.57
CA LEU B 266 12.38 -35.78 7.65
C LEU B 266 11.85 -35.06 8.89
N MET B 267 11.41 -33.81 8.79
CA MET B 267 10.81 -33.14 9.93
C MET B 267 9.52 -32.43 9.55
N THR B 268 8.72 -32.17 10.57
CA THR B 268 7.55 -31.32 10.50
C THR B 268 7.73 -30.17 11.49
N TYR B 269 7.34 -28.96 11.05
CA TYR B 269 7.43 -27.76 11.87
C TYR B 269 6.02 -27.24 12.13
N SER B 270 5.60 -27.30 13.39
CA SER B 270 4.27 -26.88 13.81
C SER B 270 4.27 -26.72 15.33
N HIS B 271 3.46 -25.77 15.80
CA HIS B 271 3.32 -25.52 17.23
C HIS B 271 1.83 -25.41 17.56
N ASP B 272 1.51 -25.66 18.83
CA ASP B 272 0.11 -25.82 19.22
C ASP B 272 -0.63 -24.48 19.26
N ASN B 273 0.08 -23.37 19.26
CA ASN B 273 -0.54 -22.05 19.31
C ASN B 273 -0.86 -21.48 17.94
N ILE B 274 -0.50 -22.19 16.87
CA ILE B 274 -0.82 -21.77 15.51
C ILE B 274 -2.00 -22.60 15.02
N ILE B 275 -3.06 -21.93 14.57
CA ILE B 275 -4.22 -22.60 14.02
C ILE B 275 -4.55 -22.00 12.66
N CYS B 276 -3.56 -21.36 12.04
CA CYS B 276 -3.74 -20.70 10.76
C CYS B 276 -2.63 -21.16 9.80
N GLY B 277 -2.94 -21.10 8.51
CA GLY B 277 -2.07 -21.67 7.51
C GLY B 277 -0.88 -20.81 7.14
N ILE B 278 -0.06 -21.35 6.24
CA ILE B 278 1.18 -20.72 5.78
C ILE B 278 0.85 -19.89 4.55
N THR B 279 1.67 -18.89 4.26
CA THR B 279 1.58 -18.18 2.99
C THR B 279 2.86 -18.20 2.18
N SER B 280 4.03 -18.39 2.80
CA SER B 280 5.29 -18.33 2.09
C SER B 280 6.40 -18.90 2.96
N VAL B 281 7.43 -19.46 2.31
CA VAL B 281 8.61 -19.98 3.00
C VAL B 281 9.85 -19.53 2.25
N SER B 282 10.99 -19.49 2.95
CA SER B 282 12.28 -19.28 2.34
C SER B 282 13.38 -19.71 3.30
N PHE B 283 14.58 -19.90 2.76
CA PHE B 283 15.73 -20.33 3.52
C PHE B 283 16.75 -19.21 3.65
N SER B 284 17.73 -19.41 4.53
CA SER B 284 18.87 -18.51 4.63
C SER B 284 20.07 -19.09 3.89
N LYS B 285 21.12 -18.28 3.77
CA LYS B 285 22.20 -18.58 2.83
C LYS B 285 22.88 -19.91 3.14
N SER B 286 23.14 -20.18 4.41
CA SER B 286 23.79 -21.43 4.79
C SER B 286 22.82 -22.57 5.03
N GLY B 287 21.52 -22.31 4.98
CA GLY B 287 20.52 -23.33 5.23
C GLY B 287 20.19 -23.58 6.69
N ARG B 288 20.60 -22.70 7.60
CA ARG B 288 20.38 -22.95 9.02
C ARG B 288 19.05 -22.37 9.51
N LEU B 289 18.55 -21.31 8.88
CA LEU B 289 17.30 -20.71 9.29
C LEU B 289 16.23 -20.91 8.23
N LEU B 290 14.99 -21.13 8.67
CA LEU B 290 13.84 -21.21 7.78
C LEU B 290 12.83 -20.17 8.20
N LEU B 291 12.46 -19.29 7.28
CA LEU B 291 11.52 -18.21 7.56
C LEU B 291 10.16 -18.57 7.01
N ALA B 292 9.10 -18.29 7.77
CA ALA B 292 7.75 -18.64 7.35
C ALA B 292 6.81 -17.49 7.66
N GLY B 293 5.87 -17.25 6.75
CA GLY B 293 4.84 -16.24 6.96
C GLY B 293 3.49 -16.88 7.23
N TYR B 294 2.74 -16.27 8.15
CA TYR B 294 1.50 -16.83 8.63
C TYR B 294 0.35 -15.86 8.42
N ASP B 295 -0.87 -16.33 8.74
CA ASP B 295 -2.07 -15.49 8.64
C ASP B 295 -2.44 -14.80 9.94
N ASP B 296 -1.69 -15.01 11.03
CA ASP B 296 -1.88 -14.29 12.28
C ASP B 296 -1.04 -13.02 12.38
N PHE B 297 -0.61 -12.48 11.23
CA PHE B 297 0.04 -11.19 11.04
C PHE B 297 1.53 -11.18 11.35
N ASN B 298 2.13 -12.29 11.80
CA ASN B 298 3.53 -12.31 12.20
C ASN B 298 4.32 -13.31 11.33
N CYS B 299 5.64 -13.22 11.42
CA CYS B 299 6.52 -14.14 10.72
C CYS B 299 7.39 -14.87 11.73
N ASN B 300 7.61 -16.15 11.48
CA ASN B 300 8.35 -17.00 12.41
C ASN B 300 9.66 -17.46 11.78
N VAL B 301 10.71 -17.46 12.59
CA VAL B 301 12.04 -17.87 12.17
C VAL B 301 12.39 -19.14 12.93
N TRP B 302 12.49 -20.25 12.21
CA TRP B 302 12.73 -21.58 12.76
C TRP B 302 14.16 -22.01 12.52
N ASP B 303 14.65 -22.87 13.40
CA ASP B 303 15.94 -23.53 13.27
C ASP B 303 15.72 -24.83 12.50
N ALA B 304 16.31 -24.93 11.31
CA ALA B 304 15.94 -25.97 10.38
C ALA B 304 16.29 -27.36 10.90
N LEU B 305 17.35 -27.49 11.68
CA LEU B 305 17.87 -28.80 12.06
C LEU B 305 17.30 -29.34 13.36
N LYS B 306 16.99 -28.48 14.33
CA LYS B 306 16.43 -28.92 15.60
C LYS B 306 14.92 -28.81 15.69
N ALA B 307 14.29 -28.05 14.79
CA ALA B 307 12.83 -27.89 14.76
C ALA B 307 12.31 -27.16 16.01
N ASP B 308 12.86 -25.99 16.28
CA ASP B 308 12.40 -25.10 17.34
C ASP B 308 12.28 -23.68 16.79
N ARG B 309 11.69 -22.80 17.60
CA ARG B 309 11.47 -21.41 17.21
C ARG B 309 12.63 -20.57 17.70
N ALA B 310 13.27 -19.86 16.78
CA ALA B 310 14.41 -19.03 17.14
C ALA B 310 14.06 -17.54 17.13
N GLY B 311 13.04 -17.13 16.39
CA GLY B 311 12.75 -15.71 16.37
C GLY B 311 11.37 -15.40 15.85
N VAL B 312 10.95 -14.18 16.10
CA VAL B 312 9.67 -13.65 15.65
C VAL B 312 9.91 -12.29 15.01
N LEU B 313 9.31 -12.07 13.85
CA LEU B 313 9.24 -10.74 13.25
C LEU B 313 7.80 -10.26 13.32
N ALA B 314 7.61 -9.09 13.93
CA ALA B 314 6.30 -8.49 14.08
C ALA B 314 6.40 -7.01 13.76
N GLY B 315 5.29 -6.44 13.32
CA GLY B 315 5.27 -5.06 12.87
C GLY B 315 4.32 -4.78 11.73
N HIS B 316 3.89 -5.81 11.03
CA HIS B 316 2.81 -5.66 10.07
C HIS B 316 1.47 -5.79 10.77
N ASP B 317 0.45 -5.14 10.20
CA ASP B 317 -0.89 -5.11 10.78
C ASP B 317 -1.88 -6.01 10.06
N ASN B 318 -1.43 -6.79 9.08
CA ASN B 318 -2.32 -7.62 8.30
C ASN B 318 -1.53 -8.84 7.84
N ARG B 319 -2.14 -9.66 6.98
CA ARG B 319 -1.53 -10.90 6.55
C ARG B 319 -0.22 -10.65 5.81
N VAL B 320 0.79 -11.45 6.13
CA VAL B 320 2.05 -11.44 5.40
C VAL B 320 1.91 -12.39 4.22
N SER B 321 2.04 -11.87 3.01
CA SER B 321 1.90 -12.68 1.82
C SER B 321 3.20 -12.93 1.05
N CYS B 322 4.19 -12.06 1.18
CA CYS B 322 5.42 -12.19 0.41
C CYS B 322 6.62 -12.15 1.35
N LEU B 323 7.68 -12.88 0.98
CA LEU B 323 8.85 -13.01 1.84
C LEU B 323 10.02 -13.52 1.02
N GLY B 324 11.18 -12.85 1.13
CA GLY B 324 12.33 -13.21 0.32
C GLY B 324 13.66 -12.78 0.90
N VAL B 325 14.70 -13.51 0.51
CA VAL B 325 16.06 -13.35 1.05
C VAL B 325 17.03 -13.15 -0.10
N THR B 326 17.95 -12.18 0.06
CA THR B 326 18.80 -11.76 -1.05
C THR B 326 19.81 -12.83 -1.42
N ASP B 327 20.50 -12.60 -2.54
CA ASP B 327 21.47 -13.56 -3.05
C ASP B 327 22.77 -13.57 -2.25
N ASP B 328 23.09 -12.46 -1.59
CA ASP B 328 24.25 -12.42 -0.69
C ASP B 328 23.88 -12.71 0.75
N GLY B 329 22.60 -12.67 1.10
CA GLY B 329 22.12 -13.07 2.41
C GLY B 329 22.11 -12.00 3.47
N MET B 330 22.17 -10.73 3.09
CA MET B 330 22.33 -9.65 4.06
C MET B 330 21.06 -8.88 4.35
N ALA B 331 19.90 -9.35 3.90
CA ALA B 331 18.65 -8.65 4.18
C ALA B 331 17.49 -9.62 4.00
N VAL B 332 16.33 -9.22 4.52
CA VAL B 332 15.07 -9.94 4.32
C VAL B 332 14.00 -8.93 3.97
N ALA B 333 13.14 -9.27 3.02
CA ALA B 333 12.04 -8.38 2.67
C ALA B 333 10.71 -9.09 2.82
N THR B 334 9.77 -8.42 3.49
CA THR B 334 8.42 -8.94 3.68
C THR B 334 7.40 -7.96 3.13
N GLY B 335 6.32 -8.50 2.59
CA GLY B 335 5.24 -7.68 2.06
C GLY B 335 3.90 -8.24 2.49
N SER B 336 3.00 -7.32 2.86
CA SER B 336 1.77 -7.69 3.54
C SER B 336 0.59 -6.98 2.90
N TRP B 337 -0.60 -7.22 3.47
CA TRP B 337 -1.86 -6.72 2.94
C TRP B 337 -2.16 -5.28 3.35
N ASP B 338 -1.31 -4.63 4.12
CA ASP B 338 -1.51 -3.23 4.47
C ASP B 338 -0.82 -2.28 3.50
N SER B 339 -0.23 -2.80 2.42
CA SER B 339 0.42 -2.03 1.35
C SER B 339 1.73 -1.40 1.79
N PHE B 340 2.56 -2.14 2.52
CA PHE B 340 3.93 -1.72 2.78
C PHE B 340 4.88 -2.90 2.59
N LEU B 341 6.11 -2.56 2.22
CA LEU B 341 7.23 -3.51 2.20
C LEU B 341 8.19 -3.12 3.31
N LYS B 342 8.76 -4.12 3.98
CA LYS B 342 9.72 -3.86 5.03
C LYS B 342 10.98 -4.67 4.80
N ILE B 343 12.12 -4.09 5.19
CA ILE B 343 13.43 -4.72 5.06
C ILE B 343 14.02 -4.89 6.45
N TRP B 344 14.43 -6.11 6.77
CA TRP B 344 14.94 -6.49 8.07
C TRP B 344 16.39 -6.93 7.95
N ASN B 345 17.17 -6.59 8.97
CA ASN B 345 18.60 -6.88 9.00
C ASN B 345 19.18 -6.67 10.38
N VAL C 1 15.89 7.98 -32.99
CA VAL C 1 16.39 9.05 -32.14
C VAL C 1 17.01 10.12 -33.03
N GLN C 2 16.68 11.38 -32.78
CA GLN C 2 17.15 12.47 -33.62
C GLN C 2 16.93 13.81 -32.93
N LEU C 3 17.95 14.66 -32.97
CA LEU C 3 17.89 16.01 -32.44
C LEU C 3 18.41 16.96 -33.50
N VAL C 4 17.64 17.99 -33.84
CA VAL C 4 17.98 18.90 -34.94
C VAL C 4 17.90 20.33 -34.42
N GLU C 5 18.95 21.12 -34.70
CA GLU C 5 19.08 22.46 -34.13
C GLU C 5 18.83 23.53 -35.19
N SER C 6 18.48 24.73 -34.74
CA SER C 6 18.25 25.84 -35.65
C SER C 6 18.45 27.16 -34.92
N GLY C 7 18.82 28.19 -35.68
CA GLY C 7 18.90 29.54 -35.16
C GLY C 7 20.22 30.26 -35.34
N GLY C 8 21.22 29.63 -35.96
CA GLY C 8 22.55 30.21 -36.02
C GLY C 8 22.68 31.25 -37.11
N GLY C 9 23.86 31.87 -37.16
CA GLY C 9 24.15 32.86 -38.18
C GLY C 9 25.01 33.98 -37.63
N LEU C 10 24.96 35.11 -38.33
CA LEU C 10 25.79 36.28 -38.05
C LEU C 10 24.99 37.30 -37.24
N VAL C 11 25.62 37.88 -36.23
CA VAL C 11 24.97 38.89 -35.40
C VAL C 11 25.97 40.00 -35.08
N GLN C 12 25.45 41.21 -34.92
CA GLN C 12 26.20 42.42 -34.58
C GLN C 12 26.48 42.45 -33.08
N PRO C 13 27.49 43.20 -32.65
CA PRO C 13 27.74 43.33 -31.21
C PRO C 13 26.53 43.91 -30.50
N GLY C 14 26.34 43.49 -29.26
CA GLY C 14 25.06 43.73 -28.61
C GLY C 14 23.99 42.86 -29.24
N GLY C 15 22.76 43.29 -29.09
CA GLY C 15 21.70 42.53 -29.72
C GLY C 15 21.39 41.23 -29.00
N SER C 16 20.70 40.34 -29.71
CA SER C 16 20.14 39.15 -29.11
C SER C 16 19.97 38.07 -30.16
N ARG C 17 19.67 36.85 -29.70
CA ARG C 17 19.45 35.71 -30.56
C ARG C 17 18.72 34.64 -29.75
N LYS C 18 18.06 33.73 -30.46
CA LYS C 18 17.33 32.63 -29.84
C LYS C 18 17.58 31.35 -30.63
N LEU C 19 18.12 30.34 -29.97
CA LEU C 19 18.39 29.06 -30.60
C LEU C 19 17.37 28.03 -30.14
N SER C 20 16.97 27.15 -31.05
CA SER C 20 15.94 26.17 -30.73
C SER C 20 16.36 24.80 -31.23
N CYS C 21 15.80 23.77 -30.60
CA CYS C 21 16.16 22.39 -30.87
C CYS C 21 14.90 21.53 -30.86
N SER C 22 14.80 20.65 -31.85
CA SER C 22 13.63 19.80 -32.07
C SER C 22 14.02 18.34 -31.97
N ALA C 23 13.28 17.58 -31.16
CA ALA C 23 13.58 16.19 -30.88
C ALA C 23 12.53 15.28 -31.49
N SER C 24 12.97 14.12 -31.97
CA SER C 24 12.07 13.16 -32.58
C SER C 24 12.59 11.74 -32.37
N GLY C 25 11.66 10.85 -32.07
CA GLY C 25 12.01 9.45 -31.97
C GLY C 25 12.24 8.91 -30.57
N PHE C 26 11.93 9.68 -29.53
CA PHE C 26 12.10 9.18 -28.17
C PHE C 26 11.18 9.97 -27.24
N ALA C 27 11.21 9.60 -25.96
CA ALA C 27 10.35 10.18 -24.93
C ALA C 27 11.00 11.42 -24.32
N PHE C 28 10.66 12.57 -24.91
CA PHE C 28 11.35 13.81 -24.60
C PHE C 28 11.10 14.29 -23.17
N SER C 29 9.93 13.95 -22.61
CA SER C 29 9.56 14.50 -21.32
C SER C 29 10.21 13.79 -20.14
N SER C 30 10.99 12.74 -20.37
CA SER C 30 11.65 12.01 -19.29
C SER C 30 13.16 12.22 -19.27
N PHE C 31 13.69 13.15 -20.06
CA PHE C 31 15.11 13.37 -20.16
C PHE C 31 15.47 14.79 -19.70
N GLY C 32 16.69 14.93 -19.18
CA GLY C 32 17.25 16.25 -18.92
C GLY C 32 18.19 16.67 -20.03
N MET C 33 18.32 17.99 -20.21
CA MET C 33 18.98 18.49 -21.41
C MET C 33 20.09 19.47 -21.05
N HIS C 34 21.19 19.38 -21.81
CA HIS C 34 22.35 20.25 -21.66
C HIS C 34 22.60 21.02 -22.94
N TRP C 35 23.08 22.24 -22.81
CA TRP C 35 23.66 22.99 -23.92
C TRP C 35 25.16 23.10 -23.72
N VAL C 36 25.92 22.67 -24.74
CA VAL C 36 27.38 22.66 -24.73
C VAL C 36 27.86 23.47 -25.93
N ARG C 37 29.10 23.96 -25.86
CA ARG C 37 29.65 24.93 -26.80
C ARG C 37 31.06 24.52 -27.19
N GLN C 38 31.50 24.94 -28.37
CA GLN C 38 32.87 24.69 -28.81
C GLN C 38 33.38 25.87 -29.63
N ALA C 39 34.52 26.42 -29.23
CA ALA C 39 35.14 27.51 -29.96
C ALA C 39 35.74 26.99 -31.27
N PRO C 40 36.00 27.88 -32.24
CA PRO C 40 36.44 27.40 -33.56
C PRO C 40 37.66 26.48 -33.56
N GLU C 41 38.66 26.74 -32.73
CA GLU C 41 39.88 25.95 -32.74
C GLU C 41 40.29 25.49 -31.34
N LYS C 42 39.36 25.49 -30.39
CA LYS C 42 39.62 25.13 -29.01
C LYS C 42 38.78 23.91 -28.63
N GLY C 43 38.79 23.58 -27.34
CA GLY C 43 38.03 22.47 -26.83
C GLY C 43 36.60 22.85 -26.48
N LEU C 44 35.91 21.89 -25.89
CA LEU C 44 34.49 22.01 -25.57
C LEU C 44 34.30 22.78 -24.27
N GLU C 45 33.18 23.49 -24.17
CA GLU C 45 32.84 24.27 -22.98
C GLU C 45 31.35 24.16 -22.69
N TRP C 46 31.01 23.90 -21.43
CA TRP C 46 29.64 23.64 -21.01
C TRP C 46 28.91 24.95 -20.72
N VAL C 47 27.63 25.03 -21.10
CA VAL C 47 26.87 26.28 -21.08
C VAL C 47 25.71 26.23 -20.10
N ALA C 48 24.83 25.23 -20.19
CA ALA C 48 23.65 25.30 -19.34
C ALA C 48 22.96 23.95 -19.18
N TYR C 49 22.08 23.86 -18.19
CA TYR C 49 21.40 22.63 -17.85
C TYR C 49 19.96 22.88 -17.38
N ILE C 50 19.01 22.10 -17.92
CA ILE C 50 17.63 22.10 -17.47
C ILE C 50 17.19 20.67 -17.20
N SER C 51 16.37 20.48 -16.18
CA SER C 51 16.04 19.17 -15.66
C SER C 51 14.64 18.73 -16.05
N SER C 52 14.30 17.49 -15.72
CA SER C 52 13.00 16.92 -16.09
C SER C 52 11.93 17.31 -15.08
N GLY C 53 10.84 17.89 -15.58
CA GLY C 53 9.90 18.58 -14.74
C GLY C 53 10.21 20.03 -14.49
N SER C 54 11.27 20.55 -15.10
CA SER C 54 11.61 21.97 -15.06
C SER C 54 11.90 22.44 -13.63
N GLY C 55 12.38 21.52 -12.79
CA GLY C 55 12.61 21.86 -11.40
C GLY C 55 13.93 22.53 -11.12
N THR C 56 15.00 22.13 -11.81
CA THR C 56 16.34 22.61 -11.55
C THR C 56 16.90 23.24 -12.81
N ILE C 57 17.59 24.37 -12.65
CA ILE C 57 18.25 25.07 -13.76
C ILE C 57 19.63 25.51 -13.30
N TYR C 58 20.65 25.19 -14.08
CA TYR C 58 22.01 25.59 -13.78
C TYR C 58 22.63 26.33 -14.96
N TYR C 59 23.45 27.34 -14.65
CA TYR C 59 24.18 28.10 -15.64
C TYR C 59 25.68 28.04 -15.36
N ALA C 60 26.47 28.41 -16.35
CA ALA C 60 27.90 28.56 -16.16
C ALA C 60 28.21 29.90 -15.53
N ASP C 61 29.42 30.04 -15.03
CA ASP C 61 29.79 31.27 -14.36
C ASP C 61 29.85 32.47 -15.29
N THR C 62 30.26 32.27 -16.55
CA THR C 62 30.46 33.38 -17.48
C THR C 62 29.25 33.64 -18.38
N VAL C 63 28.08 33.11 -18.04
CA VAL C 63 26.88 33.31 -18.83
C VAL C 63 25.68 33.74 -17.99
N LYS C 64 25.77 33.67 -16.67
CA LYS C 64 24.63 34.00 -15.81
C LYS C 64 24.19 35.43 -16.04
N GLY C 65 22.87 35.64 -16.07
CA GLY C 65 22.30 36.95 -16.25
C GLY C 65 22.10 37.37 -17.68
N ARG C 66 22.59 36.61 -18.64
CA ARG C 66 22.37 36.90 -20.05
C ARG C 66 21.67 35.78 -20.80
N PHE C 67 21.81 34.54 -20.35
CA PHE C 67 21.27 33.37 -21.03
C PHE C 67 20.09 32.82 -20.24
N THR C 68 19.14 32.21 -20.96
CA THR C 68 17.98 31.59 -20.33
C THR C 68 17.61 30.32 -21.09
N ILE C 69 17.39 29.24 -20.35
CA ILE C 69 17.06 27.94 -20.93
C ILE C 69 15.60 27.63 -20.64
N SER C 70 14.92 26.99 -21.59
CA SER C 70 13.51 26.63 -21.39
C SER C 70 13.14 25.45 -22.28
N ARG C 71 12.03 24.79 -21.94
CA ARG C 71 11.59 23.61 -22.67
C ARG C 71 10.08 23.62 -22.82
N ASP C 72 9.60 22.89 -23.84
CA ASP C 72 8.16 22.70 -24.10
C ASP C 72 7.95 21.23 -24.46
N ASP C 73 7.23 20.51 -23.60
CA ASP C 73 7.05 19.08 -23.79
C ASP C 73 5.96 18.70 -24.78
N PRO C 74 4.78 19.31 -24.79
CA PRO C 74 3.75 18.92 -25.78
C PRO C 74 4.14 19.17 -27.23
N LYS C 75 5.29 19.80 -27.49
CA LYS C 75 5.79 19.94 -28.86
C LYS C 75 7.23 19.45 -28.99
N ASN C 76 7.86 19.01 -27.90
CA ASN C 76 9.22 18.46 -27.92
C ASN C 76 10.22 19.48 -28.45
N THR C 77 10.31 20.63 -27.77
CA THR C 77 11.18 21.70 -28.23
C THR C 77 11.98 22.28 -27.08
N LEU C 78 13.21 22.71 -27.35
CA LEU C 78 14.09 23.31 -26.37
C LEU C 78 14.59 24.65 -26.86
N PHE C 79 14.68 25.64 -25.96
CA PHE C 79 15.05 27.00 -26.33
C PHE C 79 16.20 27.50 -25.45
N LEU C 80 17.12 28.23 -26.07
CA LEU C 80 18.13 29.03 -25.38
C LEU C 80 18.01 30.46 -25.87
N GLN C 81 17.68 31.38 -24.97
CA GLN C 81 17.57 32.80 -25.29
C GLN C 81 18.81 33.52 -24.79
N MET C 82 19.49 34.22 -25.69
CA MET C 82 20.81 34.73 -25.40
C MET C 82 20.94 36.17 -25.87
N THR C 83 21.48 37.04 -25.01
CA THR C 83 21.43 38.49 -25.20
C THR C 83 22.77 39.12 -24.83
N SER C 84 22.99 40.33 -25.37
CA SER C 84 24.19 41.13 -25.11
C SER C 84 25.45 40.38 -25.50
N LEU C 85 25.61 40.16 -26.80
CA LEU C 85 26.65 39.26 -27.27
C LEU C 85 27.99 39.95 -27.43
N ARG C 86 29.04 39.26 -26.98
CA ARG C 86 30.41 39.68 -27.09
C ARG C 86 31.09 38.94 -28.24
N SER C 87 32.31 39.37 -28.56
CA SER C 87 33.08 38.67 -29.59
C SER C 87 33.51 37.29 -29.10
N GLU C 88 33.51 37.07 -27.79
CA GLU C 88 33.90 35.78 -27.24
C GLU C 88 32.77 34.77 -27.24
N ASP C 89 31.67 35.06 -27.92
CA ASP C 89 30.54 34.15 -28.04
C ASP C 89 30.46 33.47 -29.40
N THR C 90 31.46 33.66 -30.25
CA THR C 90 31.48 33.02 -31.55
C THR C 90 31.83 31.54 -31.40
N ALA C 91 30.91 30.65 -31.76
CA ALA C 91 31.15 29.24 -31.47
C ALA C 91 30.11 28.36 -32.15
N MET C 92 30.30 27.05 -31.99
CA MET C 92 29.39 26.02 -32.45
C MET C 92 28.67 25.41 -31.25
N TYR C 93 27.35 25.41 -31.27
CA TYR C 93 26.53 25.01 -30.13
C TYR C 93 25.76 23.72 -30.34
N TYR C 94 25.97 22.76 -29.43
CA TYR C 94 25.37 21.44 -29.48
C TYR C 94 24.38 21.28 -28.32
N CYS C 95 23.35 20.47 -28.55
CA CYS C 95 22.38 20.10 -27.53
C CYS C 95 22.53 18.62 -27.22
N VAL C 96 22.51 18.27 -25.93
CA VAL C 96 22.88 16.95 -25.46
C VAL C 96 21.80 16.41 -24.52
N ARG C 97 21.68 15.09 -24.49
CA ARG C 97 20.61 14.36 -23.82
C ARG C 97 21.18 13.61 -22.62
N SER C 98 20.41 13.51 -21.53
CA SER C 98 20.95 12.86 -20.35
C SER C 98 19.84 12.45 -19.39
N ILE C 99 19.86 11.21 -18.91
CA ILE C 99 18.85 10.70 -17.98
C ILE C 99 19.56 10.06 -16.80
N TYR C 100 19.10 10.39 -15.58
CA TYR C 100 19.73 9.92 -14.35
C TYR C 100 18.78 9.02 -13.58
N TYR C 101 19.19 7.77 -13.39
CA TYR C 101 18.63 6.87 -12.40
C TYR C 101 19.71 5.83 -12.11
N TYR C 102 19.40 4.90 -11.21
CA TYR C 102 20.43 3.96 -10.79
C TYR C 102 20.81 3.03 -11.93
N GLY C 103 21.97 3.27 -12.54
CA GLY C 103 22.49 2.43 -13.59
C GLY C 103 22.32 2.95 -15.00
N SER C 104 22.00 4.23 -15.18
CA SER C 104 21.77 4.75 -16.51
C SER C 104 23.08 5.24 -17.14
N SER C 105 22.95 5.79 -18.34
CA SER C 105 24.09 6.22 -19.16
C SER C 105 23.88 7.64 -19.67
N PRO C 106 24.37 8.64 -18.95
CA PRO C 106 24.21 10.03 -19.41
C PRO C 106 25.11 10.36 -20.59
N PHE C 107 24.77 11.44 -21.29
CA PHE C 107 25.55 12.02 -22.39
C PHE C 107 25.69 11.08 -23.58
N ASP C 108 24.69 10.23 -23.83
CA ASP C 108 24.88 9.17 -24.81
C ASP C 108 24.31 9.48 -26.19
N PHE C 109 23.78 10.69 -26.42
CA PHE C 109 23.38 11.08 -27.76
C PHE C 109 23.52 12.59 -27.90
N TRP C 110 24.27 13.03 -28.92
CA TRP C 110 24.49 14.43 -29.21
C TRP C 110 23.79 14.81 -30.50
N GLY C 111 23.46 16.09 -30.64
CA GLY C 111 22.87 16.62 -31.85
C GLY C 111 23.92 16.98 -32.88
N GLN C 112 23.52 17.82 -33.83
CA GLN C 112 24.39 18.22 -34.91
C GLN C 112 24.83 19.68 -34.87
N GLY C 113 24.19 20.51 -34.02
CA GLY C 113 24.71 21.81 -33.65
C GLY C 113 24.56 22.86 -34.74
N THR C 114 24.73 24.12 -34.32
CA THR C 114 24.66 25.25 -35.24
C THR C 114 25.78 26.24 -34.93
N THR C 115 26.14 27.03 -35.94
CA THR C 115 27.25 27.97 -35.87
C THR C 115 26.73 29.38 -35.66
N LEU C 116 27.30 30.09 -34.69
CA LEU C 116 26.91 31.47 -34.42
C LEU C 116 28.17 32.32 -34.40
N THR C 117 28.16 33.38 -35.21
CA THR C 117 29.30 34.26 -35.42
C THR C 117 28.94 35.67 -34.98
N VAL C 118 29.81 36.29 -34.20
CA VAL C 118 29.61 37.65 -33.69
C VAL C 118 30.72 38.52 -34.28
N SER C 119 30.32 39.67 -34.83
CA SER C 119 31.25 40.60 -35.44
C SER C 119 32.21 41.18 -34.40
N SER C 135 39.38 30.86 -8.35
CA SER C 135 38.37 29.88 -8.71
C SER C 135 38.51 28.63 -7.87
N ALA C 136 37.37 28.00 -7.55
CA ALA C 136 37.34 26.74 -6.83
C ALA C 136 36.91 25.59 -7.75
N ASP C 137 36.97 25.82 -9.06
CA ASP C 137 36.62 24.79 -10.01
C ASP C 137 37.70 23.73 -10.10
N ILE C 138 37.30 22.53 -10.52
CA ILE C 138 38.23 21.43 -10.70
C ILE C 138 38.99 21.65 -12.01
N VAL C 139 40.28 21.33 -12.01
CA VAL C 139 41.14 21.52 -13.17
C VAL C 139 41.60 20.16 -13.66
N MET C 140 41.43 19.89 -14.95
CA MET C 140 41.82 18.64 -15.58
C MET C 140 42.79 18.91 -16.71
N THR C 141 43.88 18.16 -16.75
CA THR C 141 44.99 18.40 -17.66
C THR C 141 45.22 17.19 -18.53
N GLN C 142 45.24 17.40 -19.85
CA GLN C 142 45.64 16.40 -20.81
C GLN C 142 47.16 16.33 -20.89
N ALA C 143 47.68 15.16 -21.26
CA ALA C 143 49.12 14.98 -21.34
C ALA C 143 49.71 15.71 -22.55
N THR C 144 49.09 15.57 -23.72
CA THR C 144 49.73 15.99 -24.96
C THR C 144 48.70 16.50 -25.94
N SER C 145 49.18 17.20 -26.96
CA SER C 145 48.33 17.73 -28.01
C SER C 145 48.26 16.82 -29.23
N SER C 146 49.22 15.90 -29.39
CA SER C 146 49.23 15.00 -30.55
C SER C 146 50.15 13.83 -30.26
N VAL C 147 49.80 12.66 -30.78
CA VAL C 147 50.60 11.44 -30.68
C VAL C 147 50.58 10.69 -32.00
N PRO C 148 51.69 10.65 -32.75
CA PRO C 148 51.72 9.86 -33.97
C PRO C 148 51.55 8.36 -33.69
N VAL C 149 50.75 7.70 -34.53
CA VAL C 149 50.43 6.29 -34.34
C VAL C 149 50.45 5.58 -35.69
N THR C 150 50.51 4.25 -35.62
CA THR C 150 50.53 3.32 -36.74
C THR C 150 49.47 2.24 -36.54
N PRO C 151 48.77 1.83 -37.60
CA PRO C 151 47.73 0.81 -37.45
C PRO C 151 48.29 -0.50 -36.89
N GLY C 152 47.48 -1.19 -36.08
CA GLY C 152 47.86 -2.44 -35.48
C GLY C 152 48.58 -2.31 -34.15
N GLU C 153 48.84 -1.10 -33.67
CA GLU C 153 49.54 -0.91 -32.42
C GLU C 153 48.56 -0.81 -31.25
N SER C 154 49.11 -0.82 -30.04
CA SER C 154 48.36 -0.55 -28.82
C SER C 154 48.82 0.78 -28.25
N VAL C 155 47.88 1.70 -28.01
CA VAL C 155 48.19 3.07 -27.66
C VAL C 155 47.42 3.43 -26.40
N SER C 156 47.94 4.42 -25.66
CA SER C 156 47.31 4.87 -24.43
C SER C 156 47.32 6.38 -24.35
N ILE C 157 46.33 6.92 -23.64
CA ILE C 157 46.18 8.34 -23.34
C ILE C 157 45.94 8.46 -21.85
N SER C 158 46.32 9.61 -21.28
CA SER C 158 46.13 9.82 -19.86
C SER C 158 45.75 11.27 -19.58
N CYS C 159 45.03 11.47 -18.48
CA CYS C 159 44.74 12.81 -18.02
C CYS C 159 44.65 12.85 -16.50
N ARG C 160 44.84 14.05 -15.94
CA ARG C 160 45.01 14.27 -14.52
C ARG C 160 43.99 15.28 -14.01
N SER C 161 43.76 15.27 -12.71
CA SER C 161 42.80 16.17 -12.06
C SER C 161 43.41 16.80 -10.83
N SER C 162 42.86 17.94 -10.42
CA SER C 162 43.33 18.63 -9.23
C SER C 162 42.67 18.14 -7.95
N LYS C 163 41.63 17.32 -8.05
CA LYS C 163 40.97 16.73 -6.90
C LYS C 163 40.81 15.24 -7.13
N SER C 164 40.41 14.53 -6.08
CA SER C 164 40.03 13.14 -6.23
C SER C 164 38.57 13.05 -6.65
N LEU C 165 38.32 12.35 -7.74
CA LEU C 165 36.97 12.21 -8.30
C LEU C 165 36.20 11.05 -7.70
N LEU C 166 36.81 10.29 -6.80
CA LEU C 166 36.15 9.18 -6.13
C LEU C 166 35.30 9.71 -4.99
N HIS C 167 34.05 9.27 -4.93
CA HIS C 167 33.12 9.68 -3.89
C HIS C 167 32.97 8.55 -2.88
N SER C 168 32.39 8.87 -1.73
CA SER C 168 32.33 7.91 -0.63
C SER C 168 31.33 6.79 -0.88
N ASN C 169 30.51 6.89 -1.92
CA ASN C 169 29.58 5.81 -2.24
C ASN C 169 30.16 4.80 -3.23
N GLY C 170 31.34 5.05 -3.78
CA GLY C 170 32.04 4.07 -4.58
C GLY C 170 32.15 4.38 -6.05
N ASN C 171 31.70 5.55 -6.50
CA ASN C 171 31.71 5.88 -7.91
C ASN C 171 32.82 6.87 -8.24
N THR C 172 33.41 6.71 -9.43
CA THR C 172 34.38 7.65 -9.97
C THR C 172 33.83 8.26 -11.25
N TYR C 173 33.67 9.58 -11.26
CA TYR C 173 32.96 10.27 -12.32
C TYR C 173 33.91 10.86 -13.35
N LEU C 174 34.37 10.01 -14.26
CA LEU C 174 35.20 10.43 -15.38
C LEU C 174 34.62 9.86 -16.67
N TYR C 175 34.52 10.69 -17.69
CA TYR C 175 33.92 10.34 -18.96
C TYR C 175 34.91 10.56 -20.10
N TRP C 176 34.90 9.66 -21.07
CA TRP C 176 35.73 9.75 -22.25
C TRP C 176 34.87 9.82 -23.51
N PHE C 177 35.14 10.82 -24.34
CA PHE C 177 34.46 11.05 -25.62
C PHE C 177 35.48 11.10 -26.76
N LEU C 178 35.02 10.75 -27.96
CA LEU C 178 35.80 10.80 -29.19
C LEU C 178 35.07 11.62 -30.24
N GLN C 179 35.78 12.55 -30.87
CA GLN C 179 35.24 13.37 -31.94
C GLN C 179 36.06 13.16 -33.21
N ARG C 180 35.39 12.70 -34.27
CA ARG C 180 35.97 12.50 -35.58
C ARG C 180 35.87 13.79 -36.41
N PRO C 181 36.65 13.89 -37.49
CA PRO C 181 36.61 15.12 -38.30
C PRO C 181 35.24 15.34 -38.92
N GLY C 182 34.63 16.48 -38.59
CA GLY C 182 33.37 16.90 -39.17
C GLY C 182 32.12 16.34 -38.53
N GLN C 183 32.24 15.69 -37.37
CA GLN C 183 31.10 15.03 -36.74
C GLN C 183 30.96 15.50 -35.30
N SER C 184 29.81 15.21 -34.71
CA SER C 184 29.58 15.46 -33.30
C SER C 184 30.34 14.44 -32.47
N PRO C 185 30.59 14.75 -31.19
CA PRO C 185 31.26 13.77 -30.32
C PRO C 185 30.38 12.57 -30.04
N GLN C 186 30.98 11.56 -29.43
CA GLN C 186 30.36 10.27 -29.18
C GLN C 186 30.88 9.69 -27.88
N LEU C 187 29.99 9.10 -27.10
CA LEU C 187 30.39 8.59 -25.79
C LEU C 187 31.13 7.27 -25.93
N LEU C 188 32.33 7.20 -25.34
CA LEU C 188 33.10 5.98 -25.26
C LEU C 188 33.00 5.33 -23.88
N ILE C 189 33.33 6.08 -22.82
CA ILE C 189 33.42 5.50 -21.49
C ILE C 189 32.68 6.40 -20.51
N TYR C 190 31.84 5.79 -19.66
CA TYR C 190 31.16 6.53 -18.60
C TYR C 190 31.45 5.93 -17.25
N ARG C 191 31.68 6.81 -16.27
CA ARG C 191 32.01 6.46 -14.89
C ARG C 191 33.29 5.63 -14.82
N MET C 192 34.24 5.95 -15.71
CA MET C 192 35.64 5.56 -15.64
C MET C 192 35.93 4.10 -15.98
N SER C 193 34.92 3.24 -16.09
CA SER C 193 35.23 1.86 -16.38
C SER C 193 34.31 1.18 -17.39
N ASN C 194 33.15 1.77 -17.66
CA ASN C 194 32.08 1.07 -18.37
C ASN C 194 32.03 1.47 -19.84
N LEU C 195 31.64 0.52 -20.69
CA LEU C 195 31.50 0.77 -22.11
C LEU C 195 30.09 1.20 -22.48
N ALA C 196 30.00 2.02 -23.52
CA ALA C 196 28.70 2.47 -24.00
C ALA C 196 28.17 1.52 -25.06
N SER C 197 26.88 1.66 -25.36
CA SER C 197 26.22 0.79 -26.33
C SER C 197 26.77 1.00 -27.73
N GLY C 198 27.11 -0.11 -28.39
CA GLY C 198 27.60 -0.07 -29.76
C GLY C 198 29.07 0.25 -29.92
N VAL C 199 29.80 0.42 -28.83
CA VAL C 199 31.23 0.72 -28.88
C VAL C 199 32.01 -0.58 -28.83
N PRO C 200 32.89 -0.85 -29.78
CA PRO C 200 33.61 -2.13 -29.81
C PRO C 200 34.46 -2.33 -28.57
N ASP C 201 34.58 -3.58 -28.15
CA ASP C 201 35.20 -3.96 -26.89
C ASP C 201 36.72 -3.84 -26.90
N ARG C 202 37.32 -3.25 -27.94
CA ARG C 202 38.76 -3.03 -27.95
C ARG C 202 39.17 -1.74 -27.27
N PHE C 203 38.23 -1.01 -26.69
CA PHE C 203 38.51 0.19 -25.91
C PHE C 203 38.44 -0.16 -24.42
N SER C 204 39.33 0.43 -23.62
CA SER C 204 39.30 0.21 -22.19
C SER C 204 39.77 1.47 -21.48
N GLY C 205 39.43 1.56 -20.21
CA GLY C 205 39.84 2.71 -19.43
C GLY C 205 39.84 2.39 -17.95
N SER C 206 40.81 2.95 -17.25
CA SER C 206 40.98 2.68 -15.82
C SER C 206 41.86 3.76 -15.21
N GLY C 207 42.27 3.55 -13.98
CA GLY C 207 43.12 4.47 -13.27
C GLY C 207 42.76 4.50 -11.80
N SER C 208 43.17 5.58 -11.15
CA SER C 208 42.84 5.82 -9.75
C SER C 208 42.68 7.32 -9.56
N GLY C 209 42.39 7.72 -8.32
CA GLY C 209 42.17 9.13 -8.05
C GLY C 209 43.34 9.97 -8.55
N THR C 210 43.00 11.01 -9.31
CA THR C 210 43.94 11.99 -9.85
C THR C 210 44.89 11.41 -10.90
N ALA C 211 44.55 10.28 -11.52
CA ALA C 211 45.35 9.76 -12.62
C ALA C 211 44.53 8.75 -13.41
N PHE C 212 44.25 9.04 -14.68
CA PHE C 212 43.40 8.15 -15.46
C PHE C 212 44.01 7.88 -16.82
N THR C 213 43.78 6.67 -17.33
CA THR C 213 44.38 6.19 -18.57
C THR C 213 43.37 5.41 -19.39
N LEU C 214 43.30 5.73 -20.68
CA LEU C 214 42.49 5.01 -21.66
C LEU C 214 43.42 4.26 -22.62
N THR C 215 43.05 3.03 -22.95
CA THR C 215 43.85 2.16 -23.80
C THR C 215 43.05 1.73 -25.01
N ILE C 216 43.63 1.91 -26.20
CA ILE C 216 43.08 1.45 -27.46
C ILE C 216 43.99 0.36 -27.99
N SER C 217 43.39 -0.78 -28.35
CA SER C 217 44.15 -1.91 -28.88
C SER C 217 43.81 -2.11 -30.35
N ARG C 218 44.85 -2.40 -31.15
CA ARG C 218 44.68 -2.72 -32.56
C ARG C 218 43.99 -1.59 -33.33
N LEU C 219 44.67 -0.46 -33.47
CA LEU C 219 44.11 0.69 -34.16
C LEU C 219 43.65 0.32 -35.56
N GLU C 220 42.51 0.88 -35.96
CA GLU C 220 41.92 0.64 -37.28
C GLU C 220 41.61 1.99 -37.90
N ALA C 221 41.28 1.98 -39.19
CA ALA C 221 40.91 3.22 -39.87
C ALA C 221 39.60 3.76 -39.32
N GLU C 222 39.37 5.04 -39.57
CA GLU C 222 38.21 5.76 -39.03
C GLU C 222 38.15 5.66 -37.51
N ASP C 223 39.34 5.67 -36.89
CA ASP C 223 39.47 5.66 -35.44
C ASP C 223 40.43 6.77 -35.03
N VAL C 224 40.52 7.82 -35.85
CA VAL C 224 41.41 8.95 -35.62
C VAL C 224 40.56 10.18 -35.40
N GLY C 225 41.13 11.14 -34.68
CA GLY C 225 40.45 12.36 -34.30
C GLY C 225 40.96 12.83 -32.96
N VAL C 226 40.07 13.48 -32.19
CA VAL C 226 40.42 14.07 -30.92
C VAL C 226 39.68 13.35 -29.80
N TYR C 227 40.36 13.15 -28.68
CA TYR C 227 39.79 12.50 -27.51
C TYR C 227 39.73 13.50 -26.36
N TYR C 228 38.62 13.47 -25.62
CA TYR C 228 38.38 14.37 -24.50
C TYR C 228 37.99 13.61 -23.26
N CYS C 229 38.42 14.11 -22.10
CA CYS C 229 38.03 13.57 -20.81
C CYS C 229 37.33 14.66 -20.01
N MET C 230 36.27 14.28 -19.30
CA MET C 230 35.40 15.21 -18.59
C MET C 230 35.04 14.65 -17.22
N GLN C 231 34.70 15.53 -16.29
CA GLN C 231 34.28 15.15 -14.95
C GLN C 231 32.83 15.55 -14.72
N HIS C 232 32.15 14.82 -13.82
CA HIS C 232 30.75 15.07 -13.50
C HIS C 232 30.51 14.97 -12.00
N LEU C 233 31.43 15.49 -11.20
CA LEU C 233 31.31 15.39 -9.75
C LEU C 233 30.56 16.58 -9.13
N GLU C 234 30.71 17.78 -9.67
CA GLU C 234 30.06 18.93 -9.08
C GLU C 234 29.86 19.92 -10.22
N TYR C 235 28.85 20.72 -10.12
CA TYR C 235 28.73 21.69 -11.16
C TYR C 235 29.63 22.87 -10.82
N PRO C 236 30.23 23.54 -11.81
CA PRO C 236 30.15 23.29 -13.25
C PRO C 236 30.96 22.10 -13.75
N LEU C 237 30.54 21.54 -14.87
CA LEU C 237 31.28 20.46 -15.51
C LEU C 237 32.37 21.04 -16.40
N THR C 238 33.55 20.44 -16.35
CA THR C 238 34.71 20.98 -17.05
C THR C 238 35.33 19.92 -17.93
N PHE C 239 35.90 20.36 -19.05
CA PHE C 239 36.48 19.48 -20.06
C PHE C 239 38.00 19.59 -20.05
N GLY C 240 38.65 18.58 -20.64
CA GLY C 240 40.07 18.61 -20.86
C GLY C 240 40.43 19.26 -22.19
N ALA C 241 41.74 19.40 -22.42
CA ALA C 241 42.23 20.19 -23.54
C ALA C 241 42.16 19.46 -24.87
N GLY C 242 42.29 18.13 -24.87
CA GLY C 242 42.16 17.35 -26.09
C GLY C 242 43.43 16.65 -26.53
N THR C 243 43.32 15.39 -26.93
CA THR C 243 44.46 14.61 -27.42
C THR C 243 44.18 14.14 -28.83
N LYS C 244 45.07 14.47 -29.76
CA LYS C 244 44.86 14.16 -31.16
C LYS C 244 45.65 12.92 -31.55
N LEU C 245 45.03 12.05 -32.35
CA LEU C 245 45.72 10.91 -32.93
C LEU C 245 45.78 11.06 -34.44
N GLU C 246 47.00 10.96 -34.99
CA GLU C 246 47.26 11.17 -36.40
C GLU C 246 47.71 9.85 -37.01
N LEU C 247 47.12 9.48 -38.14
CA LEU C 247 47.47 8.22 -38.79
C LEU C 247 48.17 8.47 -40.13
N THR D 6 -11.10 -46.60 -25.86
CA THR D 6 -10.88 -47.17 -24.54
C THR D 6 -10.01 -46.24 -23.70
N ALA D 7 -10.61 -45.14 -23.25
CA ALA D 7 -9.87 -44.15 -22.46
C ALA D 7 -9.48 -44.70 -21.09
N SER D 8 -10.35 -45.52 -20.49
CA SER D 8 -10.02 -46.11 -19.18
C SER D 8 -8.79 -47.00 -19.28
N ILE D 9 -8.69 -47.78 -20.35
CA ILE D 9 -7.51 -48.62 -20.55
C ILE D 9 -6.25 -47.77 -20.64
N ALA D 10 -6.30 -46.68 -21.41
CA ALA D 10 -5.15 -45.80 -21.53
C ALA D 10 -4.76 -45.18 -20.20
N GLN D 11 -5.76 -44.74 -19.43
CA GLN D 11 -5.48 -44.15 -18.12
C GLN D 11 -4.83 -45.16 -17.19
N ALA D 12 -5.37 -46.39 -17.16
CA ALA D 12 -4.80 -47.42 -16.30
C ALA D 12 -3.37 -47.75 -16.71
N ARG D 13 -3.13 -47.87 -18.02
CA ARG D 13 -1.77 -48.15 -18.48
C ARG D 13 -0.81 -47.02 -18.14
N LYS D 14 -1.26 -45.77 -18.27
CA LYS D 14 -0.42 -44.64 -17.91
C LYS D 14 -0.07 -44.66 -16.43
N LEU D 15 -1.07 -44.92 -15.57
CA LEU D 15 -0.81 -44.96 -14.14
C LEU D 15 0.14 -46.10 -13.78
N VAL D 16 -0.05 -47.26 -14.42
CA VAL D 16 0.84 -48.40 -14.17
C VAL D 16 2.25 -48.09 -14.60
N GLU D 17 2.41 -47.47 -15.78
CA GLU D 17 3.75 -47.12 -16.24
C GLU D 17 4.43 -46.10 -15.33
N GLN D 18 3.67 -45.11 -14.86
CA GLN D 18 4.24 -44.11 -13.96
C GLN D 18 4.67 -44.76 -12.65
N LEU D 19 3.85 -45.66 -12.10
CA LEU D 19 4.22 -46.32 -10.85
C LEU D 19 5.42 -47.24 -11.04
N LYS D 20 5.51 -47.90 -12.20
CA LYS D 20 6.69 -48.71 -12.50
C LYS D 20 7.94 -47.85 -12.57
N MET D 21 7.83 -46.67 -13.18
CA MET D 21 8.96 -45.75 -13.24
C MET D 21 9.39 -45.31 -11.84
N GLU D 22 8.42 -44.94 -11.00
CA GLU D 22 8.77 -44.46 -9.67
C GLU D 22 9.30 -45.56 -8.77
N ALA D 23 8.84 -46.81 -8.95
CA ALA D 23 9.25 -47.88 -8.05
C ALA D 23 10.74 -48.19 -8.22
N ASN D 24 11.29 -47.98 -9.41
CA ASN D 24 12.67 -48.35 -9.71
C ASN D 24 13.60 -47.14 -9.58
N ILE D 25 13.70 -46.64 -8.34
CA ILE D 25 14.56 -45.51 -8.02
C ILE D 25 15.52 -45.94 -6.92
N ASP D 26 16.82 -45.68 -7.13
CA ASP D 26 17.83 -46.03 -6.15
C ASP D 26 17.72 -45.09 -4.96
N ARG D 27 17.46 -45.66 -3.78
CA ARG D 27 17.32 -44.89 -2.55
C ARG D 27 18.55 -45.07 -1.67
N ILE D 28 18.63 -44.23 -0.64
CA ILE D 28 19.71 -44.25 0.34
C ILE D 28 19.10 -44.24 1.72
N LYS D 29 19.97 -44.34 2.73
CA LYS D 29 19.51 -44.32 4.11
C LYS D 29 19.32 -42.89 4.60
N VAL D 30 18.53 -42.76 5.67
CA VAL D 30 18.25 -41.45 6.24
C VAL D 30 19.50 -40.84 6.85
N SER D 31 20.34 -41.67 7.46
CA SER D 31 21.52 -41.16 8.16
C SER D 31 22.46 -40.42 7.23
N LYS D 32 22.63 -40.91 6.00
CA LYS D 32 23.52 -40.22 5.07
C LYS D 32 22.98 -38.84 4.68
N ALA D 33 21.66 -38.74 4.47
CA ALA D 33 21.07 -37.44 4.21
C ALA D 33 21.25 -36.50 5.41
N ALA D 34 21.07 -37.04 6.61
CA ALA D 34 21.31 -36.27 7.82
C ALA D 34 22.73 -35.72 7.87
N ALA D 35 23.71 -36.59 7.63
CA ALA D 35 25.11 -36.16 7.68
C ALA D 35 25.40 -35.12 6.61
N ASP D 36 24.85 -35.32 5.40
CA ASP D 36 25.13 -34.37 4.32
C ASP D 36 24.57 -32.99 4.63
N LEU D 37 23.31 -32.91 5.09
CA LEU D 37 22.74 -31.60 5.40
C LEU D 37 23.49 -30.94 6.54
N MET D 38 23.81 -31.69 7.60
CA MET D 38 24.55 -31.13 8.72
C MET D 38 25.92 -30.62 8.29
N ALA D 39 26.61 -31.39 7.45
CA ALA D 39 27.94 -30.98 6.98
C ALA D 39 27.87 -29.71 6.15
N TYR D 40 26.88 -29.61 5.25
CA TYR D 40 26.76 -28.40 4.45
C TYR D 40 26.49 -27.20 5.34
N CYS D 41 25.63 -27.37 6.35
CA CYS D 41 25.34 -26.24 7.24
C CYS D 41 26.58 -25.83 8.03
N GLU D 42 27.37 -26.80 8.49
CA GLU D 42 28.56 -26.47 9.26
C GLU D 42 29.62 -25.80 8.40
N ALA D 43 29.73 -26.21 7.14
CA ALA D 43 30.84 -25.73 6.30
C ALA D 43 30.72 -24.24 6.01
N HIS D 44 29.50 -23.75 5.78
CA HIS D 44 29.29 -22.36 5.34
C HIS D 44 28.76 -21.47 6.44
N ALA D 45 29.08 -21.76 7.71
CA ALA D 45 28.47 -21.02 8.81
C ALA D 45 29.06 -19.63 8.95
N LYS D 46 30.31 -19.44 8.51
CA LYS D 46 31.00 -18.17 8.72
C LYS D 46 30.51 -17.07 7.78
N GLU D 47 29.97 -17.43 6.61
CA GLU D 47 29.54 -16.45 5.62
C GLU D 47 28.06 -16.14 5.66
N ASP D 48 27.36 -16.48 6.74
CA ASP D 48 25.93 -16.25 6.83
C ASP D 48 25.68 -15.00 7.66
N PRO D 49 25.26 -13.89 7.04
CA PRO D 49 25.13 -12.64 7.80
C PRO D 49 23.98 -12.61 8.77
N LEU D 50 22.84 -13.21 8.44
CA LEU D 50 21.66 -13.14 9.29
C LEU D 50 21.74 -14.04 10.51
N LEU D 51 22.75 -14.91 10.57
CA LEU D 51 22.99 -15.74 11.74
C LEU D 51 24.18 -15.25 12.55
N THR D 52 25.17 -14.63 11.90
CA THR D 52 26.36 -14.08 12.56
C THR D 52 26.47 -12.62 12.13
N PRO D 53 25.78 -11.70 12.81
CA PRO D 53 25.68 -10.33 12.31
C PRO D 53 27.03 -9.64 12.17
N VAL D 54 27.16 -8.87 11.09
CA VAL D 54 28.41 -8.20 10.73
C VAL D 54 28.49 -6.86 11.43
N PRO D 55 29.69 -6.30 11.64
CA PRO D 55 29.79 -4.95 12.20
C PRO D 55 29.17 -3.92 11.27
N ALA D 56 28.72 -2.81 11.86
CA ALA D 56 27.97 -1.81 11.11
C ALA D 56 28.81 -1.15 10.03
N SER D 57 30.14 -1.22 10.14
CA SER D 57 31.00 -0.57 9.14
C SER D 57 30.88 -1.23 7.77
N GLU D 58 30.64 -2.53 7.70
CA GLU D 58 30.45 -3.23 6.44
C GLU D 58 28.99 -3.54 6.15
N ASN D 59 28.06 -2.95 6.90
CA ASN D 59 26.64 -3.21 6.70
C ASN D 59 26.10 -2.24 5.66
N PRO D 60 25.66 -2.71 4.49
CA PRO D 60 25.12 -1.80 3.48
C PRO D 60 23.83 -1.12 3.91
N PHE D 61 23.13 -1.67 4.90
CA PHE D 61 21.85 -1.13 5.36
C PHE D 61 21.96 -0.38 6.67
N ARG D 62 23.16 -0.04 7.11
CA ARG D 62 23.37 0.73 8.33
C ARG D 62 24.82 1.17 8.45
N CYS E 25 -27.47 45.88 49.72
CA CYS E 25 -28.66 45.83 50.58
C CYS E 25 -28.48 44.83 51.72
N ASN E 26 -29.56 44.14 52.06
CA ASN E 26 -29.53 43.16 53.15
C ASN E 26 -28.96 41.84 52.64
N VAL E 27 -27.64 41.84 52.48
CA VAL E 27 -26.94 40.67 51.95
C VAL E 27 -27.02 39.54 52.97
N THR E 28 -27.49 38.39 52.52
CA THR E 28 -27.63 37.23 53.39
C THR E 28 -26.26 36.64 53.71
N ASN E 29 -26.23 35.72 54.67
CA ASN E 29 -24.99 35.03 55.04
C ASN E 29 -24.76 33.89 54.05
N VAL E 30 -23.96 34.18 53.03
CA VAL E 30 -23.60 33.18 52.04
C VAL E 30 -22.38 32.40 52.52
N LYS E 31 -22.62 31.37 53.31
CA LYS E 31 -21.55 30.56 53.87
C LYS E 31 -21.64 29.09 53.47
N PHE E 32 -22.84 28.60 53.16
CA PHE E 32 -23.02 27.20 52.82
C PHE E 32 -22.29 26.80 51.54
N GLN E 33 -21.93 27.76 50.70
CA GLN E 33 -21.37 27.45 49.39
C GLN E 33 -20.06 26.68 49.49
N TYR E 34 -19.28 26.88 50.56
CA TYR E 34 -17.99 26.20 50.68
C TYR E 34 -18.16 24.70 50.78
N SER E 35 -19.03 24.24 51.68
CA SER E 35 -19.28 22.82 51.82
C SER E 35 -19.89 22.22 50.56
N LEU E 36 -20.79 22.97 49.91
CA LEU E 36 -21.37 22.51 48.65
C LEU E 36 -20.29 22.25 47.61
N TYR E 37 -19.41 23.24 47.39
CA TYR E 37 -18.34 23.07 46.41
C TYR E 37 -17.44 21.90 46.78
N ALA E 38 -17.08 21.80 48.07
CA ALA E 38 -16.17 20.75 48.49
C ALA E 38 -16.75 19.37 48.23
N THR E 39 -17.99 19.13 48.68
CA THR E 39 -18.60 17.81 48.51
C THR E 39 -18.82 17.49 47.03
N THR E 40 -19.30 18.46 46.25
CA THR E 40 -19.53 18.19 44.82
C THR E 40 -18.22 17.82 44.12
N TYR E 41 -17.15 18.58 44.40
CA TYR E 41 -15.88 18.29 43.75
C TYR E 41 -15.31 16.95 44.19
N ILE E 42 -15.44 16.61 45.47
CA ILE E 42 -14.98 15.30 45.93
C ILE E 42 -15.73 14.18 45.21
N LEU E 43 -17.05 14.31 45.10
CA LEU E 43 -17.83 13.28 44.42
C LEU E 43 -17.45 13.17 42.94
N ILE E 44 -17.23 14.30 42.27
CA ILE E 44 -16.89 14.27 40.85
C ILE E 44 -15.49 13.70 40.61
N PHE E 45 -14.58 13.89 41.57
CA PHE E 45 -13.16 13.72 41.29
C PHE E 45 -12.80 12.30 40.83
N ILE E 46 -12.96 11.32 41.72
CA ILE E 46 -12.37 9.99 41.51
C ILE E 46 -12.94 9.27 40.28
N PRO E 47 -14.26 9.07 40.17
CA PRO E 47 -14.78 8.35 39.00
C PRO E 47 -14.47 9.04 37.69
N GLY E 48 -14.43 10.38 37.67
CA GLY E 48 -14.07 11.07 36.45
C GLY E 48 -12.66 10.72 36.00
N LEU E 49 -11.71 10.74 36.91
CA LEU E 49 -10.34 10.33 36.57
C LEU E 49 -10.31 8.91 36.04
N LEU E 50 -10.93 7.97 36.77
CA LEU E 50 -10.88 6.57 36.33
C LEU E 50 -11.48 6.41 34.94
N ALA E 51 -12.70 6.91 34.74
CA ALA E 51 -13.40 6.74 33.48
C ALA E 51 -12.63 7.38 32.33
N ASN E 52 -12.17 8.61 32.52
CA ASN E 52 -11.50 9.30 31.43
C ASN E 52 -10.18 8.66 31.06
N SER E 53 -9.40 8.21 32.06
CA SER E 53 -8.13 7.55 31.74
C SER E 53 -8.36 6.24 31.00
N ALA E 54 -9.30 5.42 31.48
CA ALA E 54 -9.59 4.16 30.80
C ALA E 54 -10.11 4.40 29.39
N ALA E 55 -10.96 5.42 29.22
CA ALA E 55 -11.51 5.72 27.91
C ALA E 55 -10.42 6.19 26.95
N LEU E 56 -9.49 7.01 27.43
CA LEU E 56 -8.38 7.44 26.58
C LEU E 56 -7.54 6.24 26.15
N TRP E 57 -7.27 5.33 27.07
CA TRP E 57 -6.51 4.13 26.72
C TRP E 57 -7.25 3.31 25.66
N VAL E 58 -8.56 3.15 25.81
CA VAL E 58 -9.35 2.39 24.85
C VAL E 58 -9.31 3.07 23.48
N LEU E 59 -9.50 4.39 23.46
CA LEU E 59 -9.55 5.11 22.19
C LEU E 59 -8.22 5.07 21.45
N CYS E 60 -7.11 5.00 22.18
CA CYS E 60 -5.84 4.99 21.47
C CYS E 60 -5.55 3.67 20.76
N ARG E 61 -6.40 2.65 20.90
CA ARG E 61 -6.24 1.38 20.19
C ARG E 61 -7.22 1.18 19.03
N PHE E 62 -8.16 2.11 18.83
CA PHE E 62 -9.04 2.07 17.67
C PHE E 62 -8.53 2.95 16.55
N ILE E 63 -7.36 3.55 16.69
CA ILE E 63 -6.81 4.38 15.63
C ILE E 63 -6.21 3.53 14.52
N SER E 64 -6.10 2.21 14.73
CA SER E 64 -5.51 1.34 13.73
C SER E 64 -6.49 0.96 12.63
N LYS E 65 -7.79 1.03 12.88
CA LYS E 65 -8.79 0.71 11.87
C LYS E 65 -8.98 1.89 10.92
N LYS E 66 -9.82 1.68 9.91
CA LYS E 66 -10.05 2.69 8.89
C LYS E 66 -10.77 3.92 9.42
N ASN E 67 -11.30 3.86 10.65
CA ASN E 67 -12.09 4.95 11.19
C ASN E 67 -11.31 6.25 11.25
N LYS E 68 -12.00 7.35 10.97
CA LYS E 68 -11.41 8.68 10.91
C LYS E 68 -12.07 9.67 11.84
N ALA E 69 -13.33 9.46 12.21
CA ALA E 69 -14.02 10.40 13.09
C ALA E 69 -13.38 10.46 14.47
N ILE E 70 -12.81 9.34 14.92
CA ILE E 70 -12.35 9.14 16.28
C ILE E 70 -11.47 10.30 16.74
N ILE E 71 -10.82 10.98 15.78
CA ILE E 71 -9.95 12.11 16.10
C ILE E 71 -10.64 13.07 17.05
N PHE E 72 -11.81 13.59 16.66
CA PHE E 72 -12.47 14.57 17.51
C PHE E 72 -12.68 14.02 18.92
N MET E 73 -13.14 12.78 19.04
CA MET E 73 -13.41 12.22 20.36
C MET E 73 -12.17 12.26 21.22
N ILE E 74 -11.01 11.91 20.66
CA ILE E 74 -9.76 11.99 21.40
C ILE E 74 -9.65 13.34 22.08
N ASN E 75 -9.70 14.42 21.30
CA ASN E 75 -9.54 15.75 21.88
C ASN E 75 -10.54 15.98 22.99
N LEU E 76 -11.81 15.61 22.77
CA LEU E 76 -12.81 15.82 23.81
C LEU E 76 -12.35 15.22 25.12
N SER E 77 -11.97 13.95 25.10
CA SER E 77 -11.59 13.30 26.34
C SER E 77 -10.47 14.08 27.02
N VAL E 78 -9.46 14.48 26.24
CA VAL E 78 -8.32 15.18 26.82
C VAL E 78 -8.79 16.40 27.60
N ALA E 79 -9.65 17.22 26.99
CA ALA E 79 -10.14 18.40 27.68
C ALA E 79 -10.74 18.01 29.01
N ASP E 80 -11.67 17.05 29.01
CA ASP E 80 -12.35 16.71 30.24
C ASP E 80 -11.37 16.16 31.27
N LEU E 81 -10.38 15.39 30.83
CA LEU E 81 -9.42 14.89 31.80
C LEU E 81 -8.70 16.04 32.50
N ALA E 82 -8.22 17.02 31.72
CA ALA E 82 -7.51 18.12 32.35
C ALA E 82 -8.45 18.98 33.18
N HIS E 83 -9.76 18.84 32.97
CA HIS E 83 -10.72 19.49 33.85
C HIS E 83 -10.67 18.87 35.24
N VAL E 84 -10.73 17.53 35.32
CA VAL E 84 -10.92 16.89 36.62
C VAL E 84 -9.61 16.91 37.41
N LEU E 85 -8.48 17.07 36.71
CA LEU E 85 -7.22 17.26 37.41
C LEU E 85 -7.07 18.67 37.97
N SER E 86 -7.97 19.59 37.64
CA SER E 86 -7.89 20.96 38.14
C SER E 86 -8.67 21.18 39.42
N LEU E 87 -9.32 20.15 39.95
CA LEU E 87 -10.12 20.23 41.16
C LEU E 87 -9.33 20.18 42.47
N PRO E 88 -8.30 19.32 42.63
CA PRO E 88 -7.78 19.03 43.97
C PRO E 88 -7.38 20.24 44.79
N LEU E 89 -6.79 21.26 44.18
CA LEU E 89 -6.45 22.48 44.93
C LEU E 89 -7.68 23.19 45.46
N ARG E 90 -8.79 23.14 44.73
CA ARG E 90 -10.04 23.67 45.25
C ARG E 90 -10.53 22.90 46.47
N ILE E 91 -10.43 21.56 46.43
CA ILE E 91 -10.83 20.76 47.58
C ILE E 91 -9.95 21.09 48.78
N TYR E 92 -8.65 21.30 48.53
CA TYR E 92 -7.75 21.71 49.60
C TYR E 92 -8.17 23.05 50.20
N TYR E 93 -8.37 24.06 49.34
CA TYR E 93 -8.61 25.41 49.82
C TYR E 93 -9.95 25.52 50.54
N TYR E 94 -10.99 24.91 49.99
CA TYR E 94 -12.33 25.13 50.53
C TYR E 94 -12.52 24.49 51.90
N ILE E 95 -11.58 23.68 52.35
CA ILE E 95 -11.64 23.06 53.67
C ILE E 95 -10.49 23.53 54.56
N SER E 96 -9.42 24.06 53.96
CA SER E 96 -8.28 24.51 54.73
C SER E 96 -8.30 26.02 54.99
N HIS E 97 -8.89 26.80 54.10
CA HIS E 97 -8.99 28.26 54.25
C HIS E 97 -7.61 28.90 54.39
N HIS E 98 -6.63 28.38 53.65
CA HIS E 98 -5.31 29.00 53.62
C HIS E 98 -4.60 28.58 52.34
N TRP E 99 -3.85 29.52 51.75
CA TRP E 99 -3.22 29.34 50.44
C TRP E 99 -1.71 29.57 50.55
N PRO E 100 -0.96 28.60 51.04
CA PRO E 100 0.47 28.79 51.28
C PRO E 100 1.29 28.58 50.01
N PHE E 101 0.90 29.29 48.95
CA PHE E 101 1.62 29.27 47.69
C PHE E 101 1.66 30.70 47.16
N GLN E 102 2.02 30.82 45.89
CA GLN E 102 2.09 32.12 45.24
C GLN E 102 0.85 32.38 44.39
N ARG E 103 0.73 33.62 43.92
CA ARG E 103 -0.48 34.02 43.20
C ARG E 103 -0.55 33.43 41.80
N ALA E 104 0.61 33.20 41.17
CA ALA E 104 0.62 32.64 39.83
C ALA E 104 -0.09 31.30 39.78
N LEU E 105 0.06 30.47 40.82
CA LEU E 105 -0.65 29.20 40.86
C LEU E 105 -2.16 29.40 40.92
N CYS E 106 -2.62 30.32 41.76
CA CYS E 106 -4.05 30.59 41.87
C CYS E 106 -4.61 30.97 40.52
N LEU E 107 -3.97 31.94 39.86
CA LEU E 107 -4.47 32.39 38.56
C LEU E 107 -4.36 31.30 37.51
N LEU E 108 -3.34 30.44 37.61
CA LEU E 108 -3.17 29.38 36.63
C LEU E 108 -4.31 28.36 36.71
N CYS E 109 -4.63 27.87 37.91
CA CYS E 109 -5.73 26.92 38.05
C CYS E 109 -7.06 27.56 37.65
N PHE E 110 -7.26 28.80 38.10
CA PHE E 110 -8.46 29.55 37.74
C PHE E 110 -8.64 29.62 36.23
N TYR E 111 -7.53 29.77 35.50
CA TYR E 111 -7.60 29.83 34.04
C TYR E 111 -7.87 28.45 33.43
N LEU E 112 -7.21 27.43 33.95
CA LEU E 112 -7.27 26.11 33.33
C LEU E 112 -8.70 25.56 33.32
N LYS E 113 -9.41 25.73 34.43
CA LYS E 113 -10.77 25.17 34.51
C LYS E 113 -11.64 25.66 33.35
N TYR E 114 -11.69 26.96 33.13
CA TYR E 114 -12.58 27.52 32.12
C TYR E 114 -12.10 27.22 30.70
N LEU E 115 -10.77 27.27 30.48
CA LEU E 115 -10.26 26.85 29.18
C LEU E 115 -10.79 25.49 28.81
N ASN E 116 -10.69 24.53 29.74
CA ASN E 116 -11.09 23.16 29.44
C ASN E 116 -12.59 23.04 29.21
N MET E 117 -13.40 23.74 30.02
CA MET E 117 -14.84 23.66 29.83
C MET E 117 -15.24 24.10 28.42
N TYR E 118 -14.70 25.23 27.96
CA TYR E 118 -15.12 25.70 26.65
C TYR E 118 -14.56 24.84 25.50
N ALA E 119 -13.36 24.28 25.65
CA ALA E 119 -12.88 23.35 24.64
C ALA E 119 -13.79 22.14 24.53
N SER E 120 -14.28 21.64 25.67
CA SER E 120 -15.23 20.53 25.66
C SER E 120 -16.50 20.87 24.88
N ILE E 121 -17.05 22.06 25.11
CA ILE E 121 -18.25 22.46 24.38
C ILE E 121 -17.99 22.45 22.87
N CYS E 122 -16.88 23.05 22.44
CA CYS E 122 -16.59 23.13 21.02
C CYS E 122 -16.46 21.75 20.39
N PHE E 123 -15.80 20.83 21.08
CA PHE E 123 -15.62 19.51 20.47
C PHE E 123 -16.92 18.72 20.44
N LEU E 124 -17.82 18.92 21.39
CA LEU E 124 -19.13 18.28 21.27
C LEU E 124 -19.86 18.77 20.04
N THR E 125 -19.81 20.08 19.79
CA THR E 125 -20.44 20.62 18.58
C THR E 125 -19.88 19.98 17.31
N CYS E 126 -18.55 19.87 17.22
CA CYS E 126 -17.94 19.28 16.04
C CYS E 126 -18.36 17.82 15.86
N ILE E 127 -18.43 17.07 16.97
CA ILE E 127 -18.86 15.68 16.88
C ILE E 127 -20.25 15.57 16.28
N SER E 128 -21.19 16.41 16.75
CA SER E 128 -22.54 16.35 16.20
C SER E 128 -22.56 16.68 14.72
N LEU E 129 -21.80 17.69 14.30
CA LEU E 129 -21.82 18.08 12.88
C LEU E 129 -21.29 16.97 11.98
N GLN E 130 -20.17 16.35 12.38
CA GLN E 130 -19.63 15.24 11.60
C GLN E 130 -20.60 14.06 11.54
N ARG E 131 -21.20 13.75 12.68
CA ARG E 131 -22.16 12.65 12.78
C ARG E 131 -23.35 12.88 11.86
N CYS E 132 -23.75 14.13 11.66
CA CYS E 132 -24.80 14.43 10.70
C CYS E 132 -24.33 14.23 9.27
N PHE E 133 -23.15 14.78 8.94
CA PHE E 133 -22.75 14.78 7.54
C PHE E 133 -22.43 13.39 7.00
N PHE E 134 -21.94 12.47 7.83
CA PHE E 134 -21.74 11.13 7.26
C PHE E 134 -23.04 10.37 7.04
N LEU E 135 -24.17 10.84 7.56
CA LEU E 135 -25.45 10.19 7.30
C LEU E 135 -26.28 10.90 6.25
N LEU E 136 -26.05 12.19 6.05
CA LEU E 136 -26.78 12.91 5.01
C LEU E 136 -26.20 12.67 3.62
N LYS E 137 -24.88 12.54 3.51
CA LYS E 137 -24.18 12.45 2.22
C LYS E 137 -23.22 11.27 2.25
N PRO E 138 -23.73 10.05 2.06
CA PRO E 138 -22.88 8.87 2.27
C PRO E 138 -21.79 8.69 1.24
N PHE E 139 -21.97 9.16 0.00
CA PHE E 139 -20.98 8.96 -1.05
C PHE E 139 -19.82 9.94 -0.99
N ARG E 140 -20.10 11.24 -0.95
CA ARG E 140 -19.07 12.25 -0.84
C ARG E 140 -18.21 12.08 0.41
N ALA E 141 -18.78 11.55 1.49
CA ALA E 141 -18.07 11.45 2.75
C ALA E 141 -16.94 10.43 2.71
N ARG E 142 -16.64 9.87 1.53
CA ARG E 142 -15.54 8.93 1.43
C ARG E 142 -14.25 9.62 1.03
N ASP E 143 -14.28 10.93 0.79
CA ASP E 143 -13.12 11.72 0.41
C ASP E 143 -12.63 12.62 1.53
N TRP E 144 -12.88 12.26 2.79
CA TRP E 144 -12.44 13.04 3.92
C TRP E 144 -11.17 12.44 4.50
N LYS E 145 -10.20 13.30 4.81
CA LYS E 145 -8.90 12.87 5.32
C LYS E 145 -8.68 13.36 6.74
N ARG E 146 -7.79 12.68 7.45
CA ARG E 146 -7.58 12.98 8.87
C ARG E 146 -6.90 14.31 9.09
N ARG E 147 -6.05 14.73 8.16
CA ARG E 147 -5.29 15.96 8.37
C ARG E 147 -6.18 17.19 8.46
N TYR E 148 -7.32 17.20 7.77
CA TYR E 148 -8.27 18.29 7.97
C TYR E 148 -8.80 18.33 9.40
N ASP E 149 -9.11 17.17 9.97
CA ASP E 149 -9.53 17.12 11.37
C ASP E 149 -8.44 17.62 12.29
N VAL E 150 -7.18 17.26 12.05
CA VAL E 150 -6.09 17.76 12.88
C VAL E 150 -6.00 19.28 12.78
N GLY E 151 -6.14 19.82 11.58
CA GLY E 151 -6.12 21.27 11.44
C GLY E 151 -7.22 21.94 12.24
N ILE E 152 -8.44 21.43 12.15
CA ILE E 152 -9.54 22.06 12.86
C ILE E 152 -9.35 21.93 14.37
N SER E 153 -8.83 20.78 14.82
CA SER E 153 -8.58 20.60 16.25
C SER E 153 -7.59 21.62 16.78
N ALA E 154 -6.46 21.80 16.07
CA ALA E 154 -5.47 22.77 16.52
C ALA E 154 -6.01 24.19 16.50
N ALA E 155 -6.78 24.54 15.47
CA ALA E 155 -7.34 25.88 15.41
C ALA E 155 -8.29 26.15 16.57
N ILE E 156 -9.14 25.18 16.92
CA ILE E 156 -10.04 25.35 18.05
C ILE E 156 -9.26 25.54 19.35
N TRP E 157 -8.25 24.69 19.57
CA TRP E 157 -7.45 24.83 20.79
C TRP E 157 -6.85 26.22 20.89
N ILE E 158 -6.23 26.71 19.81
CA ILE E 158 -5.55 27.99 19.86
C ILE E 158 -6.54 29.13 20.10
N VAL E 159 -7.66 29.13 19.39
CA VAL E 159 -8.61 30.23 19.53
C VAL E 159 -9.18 30.27 20.94
N VAL E 160 -9.55 29.11 21.49
CA VAL E 160 -10.11 29.12 22.84
C VAL E 160 -9.05 29.54 23.86
N GLY E 161 -7.81 29.08 23.67
CA GLY E 161 -6.76 29.47 24.61
C GLY E 161 -6.51 30.97 24.62
N THR E 162 -6.47 31.59 23.44
CA THR E 162 -6.29 33.03 23.40
C THR E 162 -7.57 33.80 23.73
N ALA E 163 -8.71 33.14 23.77
CA ALA E 163 -9.95 33.85 24.12
C ALA E 163 -10.20 33.84 25.62
N CYS E 164 -9.69 32.86 26.34
CA CYS E 164 -10.01 32.78 27.77
C CYS E 164 -9.03 33.55 28.67
N LEU E 165 -8.36 34.57 28.15
CA LEU E 165 -7.41 35.34 28.97
C LEU E 165 -8.05 36.31 29.96
N PRO E 166 -9.19 36.95 29.67
CA PRO E 166 -9.76 37.88 30.64
C PRO E 166 -10.15 37.24 31.97
N PHE E 167 -10.31 35.92 32.03
CA PHE E 167 -10.65 35.31 33.32
C PHE E 167 -9.56 35.52 34.35
N PRO E 168 -8.28 35.24 34.07
CA PRO E 168 -7.24 35.63 35.04
C PRO E 168 -6.85 37.10 34.95
N ILE E 169 -6.91 37.73 33.77
CA ILE E 169 -6.45 39.10 33.67
C ILE E 169 -7.33 40.04 34.49
N LEU E 170 -8.65 39.89 34.37
CA LEU E 170 -9.56 40.84 35.00
C LEU E 170 -9.75 40.59 36.50
N ARG E 171 -9.36 39.41 37.01
CA ARG E 171 -9.47 39.13 38.44
C ARG E 171 -8.15 39.31 39.17
N SER E 172 -7.26 40.15 38.64
CA SER E 172 -5.92 40.35 39.22
C SER E 172 -6.05 41.15 40.50
N THR E 173 -6.51 40.47 41.55
CA THR E 173 -6.90 41.15 42.77
C THR E 173 -6.21 40.57 44.00
N ASP E 174 -6.57 41.07 45.18
CA ASP E 174 -6.01 40.60 46.44
C ASP E 174 -4.50 40.79 46.49
N LEU E 175 -4.04 41.97 46.07
CA LEU E 175 -2.62 42.29 46.18
C LEU E 175 -2.19 42.50 47.62
N ASN E 176 -3.14 42.74 48.52
CA ASN E 176 -2.86 42.91 49.95
C ASN E 176 -3.43 41.77 50.79
N ASN E 177 -3.98 40.73 50.13
CA ASN E 177 -4.52 39.56 50.81
C ASN E 177 -3.97 38.32 50.11
N ASN E 178 -2.81 37.86 50.55
CA ASN E 178 -2.16 36.70 49.94
C ASN E 178 -2.83 35.39 50.29
N LYS E 179 -3.76 35.39 51.25
CA LYS E 179 -4.48 34.19 51.64
C LYS E 179 -5.74 33.95 50.83
N SER E 180 -6.10 34.88 49.95
CA SER E 180 -7.30 34.76 49.14
C SER E 180 -6.97 34.16 47.77
N CYS E 181 -7.92 33.38 47.26
CA CYS E 181 -7.70 32.59 46.05
C CYS E 181 -9.05 32.38 45.35
N PHE E 182 -9.17 31.28 44.59
CA PHE E 182 -10.25 31.07 43.62
C PHE E 182 -11.57 31.69 44.04
N ALA E 183 -12.07 31.32 45.22
CA ALA E 183 -13.45 31.65 45.55
C ALA E 183 -13.67 33.15 45.70
N ASP E 184 -12.79 33.83 46.42
CA ASP E 184 -13.06 35.20 46.85
C ASP E 184 -11.93 36.14 46.44
N LEU E 185 -11.50 36.04 45.20
CA LEU E 185 -10.72 37.11 44.59
C LEU E 185 -11.63 38.32 44.37
N GLY E 186 -11.03 39.49 44.28
CA GLY E 186 -11.77 40.71 44.05
C GLY E 186 -12.17 40.87 42.60
N TYR E 187 -12.64 42.07 42.27
CA TYR E 187 -12.97 42.41 40.91
C TYR E 187 -12.36 43.76 40.55
N LYS E 188 -11.61 43.79 39.46
CA LYS E 188 -11.13 45.05 38.91
C LYS E 188 -12.27 45.85 38.31
N GLN E 189 -12.23 47.16 38.54
CA GLN E 189 -13.30 48.03 38.06
C GLN E 189 -13.16 48.25 36.56
N MET E 190 -14.25 48.04 35.84
CA MET E 190 -14.26 48.14 34.39
C MET E 190 -15.38 49.09 33.95
N ASN E 191 -15.20 49.64 32.75
CA ASN E 191 -16.23 50.49 32.16
C ASN E 191 -17.47 49.67 31.83
N ALA E 192 -18.64 50.28 31.94
CA ALA E 192 -19.88 49.56 31.71
C ALA E 192 -20.01 49.07 30.27
N VAL E 193 -19.73 49.94 29.30
CA VAL E 193 -19.93 49.58 27.89
C VAL E 193 -18.99 48.45 27.49
N ALA E 194 -17.71 48.58 27.83
CA ALA E 194 -16.75 47.53 27.47
C ALA E 194 -17.12 46.21 28.14
N LEU E 195 -17.52 46.25 29.41
CA LEU E 195 -17.88 45.03 30.12
C LEU E 195 -19.08 44.36 29.48
N VAL E 196 -20.13 45.12 29.16
CA VAL E 196 -21.33 44.50 28.60
C VAL E 196 -21.04 43.98 27.19
N GLY E 197 -20.22 44.70 26.41
CA GLY E 197 -19.86 44.19 25.10
C GLY E 197 -19.09 42.88 25.19
N MET E 198 -18.13 42.80 26.10
CA MET E 198 -17.37 41.57 26.28
C MET E 198 -18.27 40.43 26.73
N ILE E 199 -19.19 40.68 27.66
CA ILE E 199 -20.06 39.62 28.15
C ILE E 199 -21.01 39.15 27.06
N THR E 200 -21.47 40.06 26.19
CA THR E 200 -22.33 39.64 25.09
C THR E 200 -21.56 38.82 24.06
N VAL E 201 -20.32 39.19 23.78
CA VAL E 201 -19.50 38.39 22.86
C VAL E 201 -19.29 36.99 23.42
N ALA E 202 -19.00 36.91 24.73
CA ALA E 202 -18.84 35.60 25.36
C ALA E 202 -20.13 34.78 25.26
N GLU E 203 -21.27 35.41 25.55
CA GLU E 203 -22.55 34.71 25.52
C GLU E 203 -22.86 34.20 24.12
N LEU E 204 -22.57 35.00 23.09
CA LEU E 204 -22.86 34.57 21.73
C LEU E 204 -21.94 33.45 21.27
N ALA E 205 -20.64 33.57 21.52
CA ALA E 205 -19.70 32.59 20.97
C ALA E 205 -19.58 31.37 21.88
N GLY E 206 -20.27 31.36 23.02
CA GLY E 206 -20.16 30.23 23.91
C GLY E 206 -21.40 29.37 24.04
N PHE E 207 -22.59 29.95 23.87
CA PHE E 207 -23.82 29.23 24.11
C PHE E 207 -24.74 29.17 22.89
N VAL E 208 -25.02 30.30 22.25
CA VAL E 208 -26.09 30.37 21.27
C VAL E 208 -25.74 29.57 20.02
N ILE E 209 -24.54 29.79 19.47
CA ILE E 209 -24.17 29.12 18.22
C ILE E 209 -24.11 27.60 18.38
N PRO E 210 -23.46 27.05 19.40
CA PRO E 210 -23.51 25.59 19.58
C PRO E 210 -24.92 25.05 19.72
N VAL E 211 -25.81 25.77 20.41
CA VAL E 211 -27.18 25.30 20.58
C VAL E 211 -27.89 25.26 19.23
N ILE E 212 -27.74 26.31 18.43
CA ILE E 212 -28.38 26.33 17.11
C ILE E 212 -27.85 25.19 16.25
N ILE E 213 -26.53 24.99 16.24
CA ILE E 213 -25.95 23.96 15.40
C ILE E 213 -26.43 22.58 15.83
N ILE E 214 -26.45 22.31 17.13
CA ILE E 214 -26.84 20.98 17.59
C ILE E 214 -28.32 20.73 17.32
N ALA E 215 -29.16 21.75 17.49
CA ALA E 215 -30.58 21.57 17.18
C ALA E 215 -30.78 21.26 15.69
N TRP E 216 -30.13 22.03 14.82
CA TRP E 216 -30.30 21.82 13.39
C TRP E 216 -29.78 20.45 12.96
N CYS E 217 -28.64 20.03 13.51
CA CYS E 217 -28.08 18.74 13.15
C CYS E 217 -28.95 17.59 13.66
N THR E 218 -29.50 17.72 14.87
CA THR E 218 -30.40 16.68 15.38
C THR E 218 -31.64 16.56 14.51
N TRP E 219 -32.22 17.68 14.11
CA TRP E 219 -33.40 17.63 13.24
C TRP E 219 -33.05 16.96 11.91
N LYS E 220 -31.97 17.39 11.26
CA LYS E 220 -31.64 16.88 9.95
C LYS E 220 -31.21 15.41 9.99
N THR E 221 -30.70 14.95 11.12
CA THR E 221 -30.38 13.53 11.25
C THR E 221 -31.63 12.70 11.48
N THR E 222 -32.56 13.19 12.31
CA THR E 222 -33.78 12.43 12.55
C THR E 222 -34.65 12.34 11.29
N ILE E 223 -34.63 13.36 10.46
CA ILE E 223 -35.35 13.27 9.19
C ILE E 223 -34.82 12.20 8.24
N SER E 224 -33.52 11.96 8.27
CA SER E 224 -32.91 11.07 7.28
C SER E 224 -32.34 9.78 7.89
N LEU E 225 -32.99 9.33 8.96
CA LEU E 225 -32.54 8.11 9.61
C LEU E 225 -33.70 7.15 9.87
N ARG E 226 -34.92 7.66 9.85
CA ARG E 226 -36.09 6.85 10.17
C ARG E 226 -37.10 6.87 9.03
N GLN E 227 -37.06 7.94 8.26
CA GLN E 227 -37.97 8.09 7.13
C GLN E 227 -37.72 7.07 6.01
N PRO E 228 -36.49 6.88 5.52
CA PRO E 228 -36.30 5.99 4.38
C PRO E 228 -36.55 4.54 4.76
N PRO E 229 -37.45 3.87 4.05
CA PRO E 229 -37.67 2.44 4.30
C PRO E 229 -36.64 1.57 3.60
N MET E 230 -36.69 0.28 3.92
CA MET E 230 -35.74 -0.68 3.37
C MET E 230 -36.37 -2.07 3.36
N ALA E 231 -35.89 -2.92 2.46
CA ALA E 231 -36.43 -4.27 2.36
C ALA E 231 -36.04 -5.13 3.55
N PHE E 232 -34.78 -5.03 3.99
CA PHE E 232 -34.31 -5.79 5.14
C PHE E 232 -34.83 -5.15 6.42
N GLN E 233 -35.44 -5.96 7.28
CA GLN E 233 -36.11 -5.45 8.49
C GLN E 233 -34.99 -5.07 9.46
N GLY E 234 -34.50 -3.84 9.32
CA GLY E 234 -33.51 -3.31 10.22
C GLY E 234 -33.96 -2.06 10.95
N ILE E 235 -35.24 -2.02 11.35
CA ILE E 235 -35.78 -0.86 12.02
C ILE E 235 -35.18 -0.69 13.42
N SER E 236 -34.82 -1.80 14.05
CA SER E 236 -34.31 -1.75 15.41
C SER E 236 -33.01 -0.94 15.52
N GLU E 237 -32.09 -1.12 14.59
CA GLU E 237 -30.85 -0.36 14.61
C GLU E 237 -31.09 1.13 14.40
N ARG E 238 -31.96 1.50 13.47
CA ARG E 238 -32.29 2.91 13.29
C ARG E 238 -32.89 3.50 14.56
N GLN E 239 -33.79 2.77 15.22
CA GLN E 239 -34.42 3.29 16.44
C GLN E 239 -33.40 3.45 17.56
N LYS E 240 -32.49 2.48 17.71
CA LYS E 240 -31.47 2.60 18.74
C LYS E 240 -30.58 3.81 18.50
N ALA E 241 -30.19 4.04 17.24
CA ALA E 241 -29.38 5.21 16.93
C ALA E 241 -30.12 6.49 17.25
N LEU E 242 -31.42 6.56 16.92
CA LEU E 242 -32.19 7.75 17.25
C LEU E 242 -32.23 8.00 18.74
N ARG E 243 -32.39 6.93 19.53
CA ARG E 243 -32.41 7.11 20.99
C ARG E 243 -31.09 7.68 21.50
N MET E 244 -29.96 7.14 21.02
CA MET E 244 -28.68 7.67 21.49
C MET E 244 -28.50 9.14 21.11
N VAL E 245 -28.88 9.51 19.88
CA VAL E 245 -28.76 10.91 19.48
C VAL E 245 -29.60 11.82 20.37
N PHE E 246 -30.86 11.46 20.58
CA PHE E 246 -31.75 12.31 21.38
C PHE E 246 -31.23 12.47 22.81
N MET E 247 -30.76 11.37 23.40
CA MET E 247 -30.33 11.44 24.79
C MET E 247 -29.06 12.27 24.95
N CYS E 248 -28.14 12.18 23.99
CA CYS E 248 -26.97 13.06 24.03
C CYS E 248 -27.36 14.54 23.97
N ALA E 249 -28.27 14.87 23.05
CA ALA E 249 -28.69 16.27 22.94
C ALA E 249 -29.35 16.75 24.23
N ALA E 250 -30.22 15.93 24.83
CA ALA E 250 -30.92 16.34 26.04
C ALA E 250 -29.94 16.58 27.18
N VAL E 251 -28.96 15.69 27.35
CA VAL E 251 -27.99 15.88 28.42
C VAL E 251 -27.22 17.18 28.23
N PHE E 252 -26.75 17.45 27.00
CA PHE E 252 -26.06 18.71 26.74
C PHE E 252 -26.90 19.89 27.18
N PHE E 253 -28.15 19.96 26.71
CA PHE E 253 -28.99 21.11 27.00
C PHE E 253 -29.17 21.31 28.50
N ILE E 254 -29.53 20.24 29.22
CA ILE E 254 -29.86 20.38 30.63
C ILE E 254 -28.63 20.75 31.45
N CYS E 255 -27.47 20.15 31.14
CA CYS E 255 -26.28 20.51 31.89
C CYS E 255 -25.87 21.95 31.67
N PHE E 256 -25.93 22.44 30.43
CA PHE E 256 -25.24 23.69 30.16
C PHE E 256 -26.14 24.92 30.04
N THR E 257 -27.46 24.80 30.15
CA THR E 257 -28.29 26.01 30.02
C THR E 257 -28.33 26.89 31.28
N PRO E 258 -28.65 26.36 32.48
CA PRO E 258 -28.84 27.26 33.63
C PRO E 258 -27.64 28.12 33.98
N TYR E 259 -26.43 27.56 33.89
CA TYR E 259 -25.24 28.34 34.20
C TYR E 259 -25.12 29.54 33.29
N HIS E 260 -25.37 29.33 32.00
CA HIS E 260 -25.24 30.42 31.05
C HIS E 260 -26.42 31.36 31.10
N ILE E 261 -27.49 31.00 31.79
CA ILE E 261 -28.55 31.99 31.97
C ILE E 261 -28.36 32.79 33.27
N ASN E 262 -27.63 32.24 34.24
CA ASN E 262 -27.44 32.96 35.51
C ASN E 262 -26.12 33.72 35.56
N PHE E 263 -25.14 33.31 34.75
CA PHE E 263 -23.82 33.94 34.73
C PHE E 263 -23.90 35.42 34.44
N ILE E 264 -24.75 35.81 33.48
CA ILE E 264 -24.80 37.21 33.08
C ILE E 264 -25.29 38.08 34.24
N PHE E 265 -26.36 37.67 34.92
CA PHE E 265 -26.86 38.44 36.04
C PHE E 265 -25.88 38.45 37.19
N TYR E 266 -25.24 37.31 37.47
CA TYR E 266 -24.29 37.26 38.58
C TYR E 266 -23.11 38.20 38.33
N THR E 267 -22.60 38.23 37.10
CA THR E 267 -21.47 39.10 36.79
C THR E 267 -21.88 40.56 36.83
N MET E 268 -23.07 40.90 36.33
CA MET E 268 -23.51 42.28 36.41
C MET E 268 -23.70 42.74 37.86
N VAL E 269 -24.30 41.90 38.70
CA VAL E 269 -24.47 42.28 40.10
C VAL E 269 -23.12 42.42 40.80
N LYS E 270 -22.20 41.49 40.54
CA LYS E 270 -20.89 41.55 41.18
C LYS E 270 -20.08 42.75 40.71
N GLU E 271 -20.51 43.40 39.63
CA GLU E 271 -19.85 44.60 39.13
C GLU E 271 -20.58 45.87 39.49
N THR E 272 -21.46 45.82 40.49
CA THR E 272 -22.20 46.96 41.05
C THR E 272 -23.14 47.63 40.06
N ILE E 273 -23.33 47.06 38.87
CA ILE E 273 -24.25 47.66 37.91
C ILE E 273 -25.69 47.49 38.37
N ILE E 274 -26.05 46.31 38.83
CA ILE E 274 -27.43 46.04 39.26
C ILE E 274 -27.54 46.28 40.76
N SER E 275 -28.56 47.04 41.17
CA SER E 275 -28.71 47.44 42.55
C SER E 275 -30.03 47.00 43.19
N SER E 276 -30.93 46.35 42.46
CA SER E 276 -32.20 45.90 43.03
C SER E 276 -31.93 44.71 43.94
N CYS E 277 -32.36 44.82 45.21
CA CYS E 277 -32.01 43.82 46.20
C CYS E 277 -32.53 42.41 45.89
N PRO E 278 -33.80 42.21 45.49
CA PRO E 278 -34.28 40.83 45.28
C PRO E 278 -33.50 40.04 44.25
N VAL E 279 -33.13 40.66 43.12
CA VAL E 279 -32.39 39.92 42.11
C VAL E 279 -30.99 39.59 42.62
N VAL E 280 -30.40 40.48 43.42
CA VAL E 280 -29.12 40.17 44.05
C VAL E 280 -29.26 38.94 44.95
N ARG E 281 -30.32 38.90 45.75
CA ARG E 281 -30.53 37.75 46.61
C ARG E 281 -30.66 36.47 45.80
N ILE E 282 -31.49 36.50 44.75
CA ILE E 282 -31.75 35.31 43.96
C ILE E 282 -30.48 34.83 43.27
N ALA E 283 -29.74 35.76 42.65
CA ALA E 283 -28.53 35.38 41.93
C ALA E 283 -27.49 34.81 42.87
N LEU E 284 -27.23 35.49 43.99
CA LEU E 284 -26.21 35.02 44.92
C LEU E 284 -26.62 33.69 45.54
N TYR E 285 -27.92 33.42 45.63
CA TYR E 285 -28.38 32.14 46.16
C TYR E 285 -28.23 31.03 45.14
N PHE E 286 -28.44 31.36 43.85
CA PHE E 286 -28.55 30.32 42.85
C PHE E 286 -27.22 29.93 42.21
N HIS E 287 -26.25 30.85 42.14
CA HIS E 287 -25.04 30.59 41.36
C HIS E 287 -24.31 29.29 41.70
N PRO E 288 -24.06 28.94 42.97
CA PRO E 288 -23.28 27.73 43.24
C PRO E 288 -23.89 26.45 42.68
N PHE E 289 -25.21 26.31 42.73
CA PHE E 289 -25.84 25.13 42.17
C PHE E 289 -25.64 25.05 40.66
N CYS E 290 -25.72 26.19 39.96
CA CYS E 290 -25.45 26.20 38.53
C CYS E 290 -24.03 25.77 38.24
N LEU E 291 -23.06 26.24 39.03
CA LEU E 291 -21.68 25.77 38.83
C LEU E 291 -21.56 24.27 39.03
N CYS E 292 -22.18 23.75 40.10
CA CYS E 292 -22.09 22.32 40.34
C CYS E 292 -22.73 21.52 39.21
N LEU E 293 -23.85 22.01 38.68
CA LEU E 293 -24.53 21.32 37.59
C LEU E 293 -23.68 21.32 36.33
N ALA E 294 -23.10 22.47 35.98
CA ALA E 294 -22.27 22.54 34.78
C ALA E 294 -21.00 21.72 34.93
N SER E 295 -20.57 21.45 36.16
CA SER E 295 -19.35 20.67 36.32
C SER E 295 -19.58 19.17 36.19
N LEU E 296 -20.81 18.71 35.96
CA LEU E 296 -21.08 17.28 35.82
C LEU E 296 -20.72 16.71 34.45
N CYS E 297 -20.41 17.57 33.48
CA CYS E 297 -20.13 17.09 32.13
C CYS E 297 -18.90 16.20 32.10
N CYS E 298 -17.84 16.58 32.80
CA CYS E 298 -16.60 15.82 32.83
C CYS E 298 -16.78 14.43 33.42
N LEU E 299 -17.97 14.10 33.92
CA LEU E 299 -18.31 12.74 34.33
C LEU E 299 -19.38 12.12 33.45
N LEU E 300 -20.37 12.89 33.00
CA LEU E 300 -21.44 12.34 32.18
C LEU E 300 -20.99 11.99 30.77
N ASP E 301 -20.24 12.88 30.11
CA ASP E 301 -19.93 12.66 28.70
C ASP E 301 -19.18 11.38 28.41
N PRO E 302 -18.15 10.97 29.17
CA PRO E 302 -17.51 9.67 28.87
C PRO E 302 -18.44 8.49 28.94
N ILE E 303 -19.37 8.48 29.89
CA ILE E 303 -20.37 7.42 30.01
C ILE E 303 -21.36 7.46 28.86
N LEU E 304 -21.81 8.66 28.50
CA LEU E 304 -22.90 8.81 27.56
C LEU E 304 -22.47 8.55 26.13
N TYR E 305 -21.21 8.88 25.81
CA TYR E 305 -20.75 8.75 24.44
C TYR E 305 -20.12 7.39 24.18
N TYR E 306 -19.28 6.91 25.09
CA TYR E 306 -18.61 5.64 24.88
C TYR E 306 -18.61 4.61 26.02
N PHE E 307 -19.57 4.66 26.94
CA PHE E 307 -19.86 3.48 27.76
C PHE E 307 -21.27 2.95 27.56
N MET E 308 -21.87 3.17 26.39
CA MET E 308 -23.07 2.46 25.99
C MET E 308 -22.91 1.73 24.67
N ALA E 309 -21.97 2.14 23.83
CA ALA E 309 -21.80 1.51 22.53
C ALA E 309 -21.33 0.08 22.68
N SER E 310 -21.56 -0.73 21.65
CA SER E 310 -21.18 -2.13 21.73
C SER E 310 -19.75 -2.37 21.28
N GLU E 311 -19.25 -1.53 20.37
CA GLU E 311 -18.04 -1.91 19.63
C GLU E 311 -16.74 -1.45 20.28
N PHE E 312 -16.77 -0.71 21.38
CA PHE E 312 -15.53 -0.29 22.01
C PHE E 312 -15.11 -1.23 23.12
N ARG E 313 -16.07 -1.97 23.72
CA ARG E 313 -15.81 -2.74 24.94
C ARG E 313 -14.76 -3.81 24.77
N ASP E 314 -14.47 -4.21 23.53
CA ASP E 314 -13.32 -5.07 23.27
C ASP E 314 -12.06 -4.24 23.42
#